data_2Z3Y
#
_entry.id   2Z3Y
#
_cell.length_a   185.742
_cell.length_b   185.742
_cell.length_c   108.725
_cell.angle_alpha   90.00
_cell.angle_beta   90.00
_cell.angle_gamma   120.00
#
_symmetry.space_group_name_H-M   'P 61 2 2'
#
loop_
_entity.id
_entity.type
_entity.pdbx_description
1 polymer 'Lysine-specific histone demethylase 1'
2 non-polymer '[(2R,3S,4R,5R)-5-(6-AMINO-9H-PURIN-9-YL)-3,4-DIHYDROXYTETRAHYDROFURAN-2-YL]METHYL (2R,3S,4S)-5-[7,8-DIMETHYL-2,4-DIOXO-5-(3-PHENYLPROPANOYL)-1,3,4,5-TETRAHYDROBENZO[G]PTERIDIN-10(2H)-YL]-2,3,4-TRIHYDROXYPENTYL DIHYDROGEN DIPHOSPHATE'
3 water water
#
_entity_poly.entity_id   1
_entity_poly.type   'polypeptide(L)'
_entity_poly.pdbx_seq_one_letter_code
;SGVEGAAFQSRLPHDRMTSQEAACFPDIISGPQQTQKVFLFIRNRTLQLWLDNPKIQLTFEATLQQLEAPYNSDTVLVHR
VHSYLERHGLINFGIYKRIKPLPTKKTGKVIIIGSGVSGLAAARQLQSFGMDVTLLEARDRVGGRVATFRKGNYVADLGA
MVVTGLGGNPMAVVSKQVNMELAKIKQKCPLYEANGQAVPKEKDEMVEQEFNRLLEATSYLSHQLDFNVLNNKPVSLGQA
LEVVIQLQEKHVKDEQIEHWKKIVKTQEELKELLNKMVNLKEKIKELHQQYKEASEVKPPRDITAEFLVKSKHRDLTALC
KEYDELAETQGKLEEKLQELEANPPSDVYLSSRDRQILDWHFANLEFANATPLSTLSLKHWDQDDDFEFTGSHLTVRNGY
SCVPVALAEGLDIKLNTAVRQVRYTASGCEVIAVNTRSTSQTFIYKCDAVLCTLPLGVLKQQPPAVQFVPPLPEWKTSAV
QRMGFGNLNKVVLCFDRVFWDPSVNLFGHVGSTTASRGELFLFWNLYKAPILLALVAGEAAGIMENISDDVIVGRCLAIL
KGIFGSSAVPQPKETVVSRWRADPWARGSYSYVAAGSSGNDYDLMAQPITPGPSIPGAPQPIPRLFFAGEHTIRNYPATV
HGALLSGLREAGRIADQFLGAM
;
_entity_poly.pdbx_strand_id   A
#
loop_
_chem_comp.id
_chem_comp.type
_chem_comp.name
_chem_comp.formula
F2N non-polymer '[(2R,3S,4R,5R)-5-(6-AMINO-9H-PURIN-9-YL)-3,4-DIHYDROXYTETRAHYDROFURAN-2-YL]METHYL (2R,3S,4S)-5-[7,8-DIMETHYL-2,4-DIOXO-5-(3-PHENYLPROPANOYL)-1,3,4,5-TETRAHYDROBENZO[G]PTERIDIN-10(2H)-YL]-2,3,4-TRIHYDROXYPENTYL DIHYDROGEN DIPHOSPHATE' 'C36 H43 N9 O16 P2'
#
# COMPACT_ATOMS: atom_id res chain seq x y z
N SER A 1 19.16 22.45 -11.69
CA SER A 1 18.24 21.70 -12.59
C SER A 1 16.78 22.11 -12.34
N GLY A 2 16.46 23.34 -12.73
CA GLY A 2 15.10 23.84 -12.57
C GLY A 2 14.15 23.15 -13.54
N VAL A 3 14.44 23.27 -14.83
CA VAL A 3 13.61 22.64 -15.84
C VAL A 3 13.66 21.13 -15.70
N GLU A 4 14.80 20.64 -15.23
CA GLU A 4 14.96 19.22 -15.04
C GLU A 4 14.04 18.80 -13.88
N GLY A 5 13.96 19.65 -12.85
CA GLY A 5 13.11 19.37 -11.71
C GLY A 5 11.65 19.38 -12.09
N ALA A 6 11.29 20.30 -12.98
CA ALA A 6 9.92 20.44 -13.45
C ALA A 6 9.45 19.18 -14.17
N ALA A 7 10.34 18.59 -14.96
CA ALA A 7 9.98 17.37 -15.67
C ALA A 7 9.73 16.27 -14.65
N PHE A 8 10.64 16.17 -13.67
CA PHE A 8 10.54 15.16 -12.62
C PHE A 8 9.24 15.33 -11.83
N GLN A 9 8.96 16.55 -11.42
CA GLN A 9 7.75 16.83 -10.66
C GLN A 9 6.51 16.48 -11.48
N SER A 10 6.67 16.38 -12.80
CA SER A 10 5.57 16.05 -13.70
C SER A 10 5.60 14.59 -14.13
N ARG A 11 6.47 13.81 -13.50
CA ARG A 11 6.59 12.39 -13.80
C ARG A 11 7.01 12.12 -15.25
N LEU A 12 7.91 12.96 -15.76
CA LEU A 12 8.42 12.82 -17.14
C LEU A 12 9.94 12.84 -17.18
N PRO A 13 10.54 12.06 -18.09
CA PRO A 13 12.00 12.04 -18.19
C PRO A 13 12.39 13.38 -18.82
N HIS A 14 13.27 14.12 -18.16
CA HIS A 14 13.67 15.44 -18.65
C HIS A 14 14.52 15.44 -19.93
N ASP A 15 15.12 14.31 -20.29
CA ASP A 15 15.99 14.29 -21.47
C ASP A 15 15.55 13.40 -22.63
N ARG A 16 14.29 12.99 -22.64
CA ARG A 16 13.82 12.16 -23.73
C ARG A 16 12.31 12.28 -23.86
N MET A 17 11.81 12.18 -25.08
CA MET A 17 10.39 12.28 -25.33
C MET A 17 9.70 10.98 -24.95
N THR A 18 8.46 11.08 -24.49
CA THR A 18 7.69 9.91 -24.11
C THR A 18 6.95 9.40 -25.33
N SER A 19 6.34 8.22 -25.22
CA SER A 19 5.62 7.65 -26.35
C SER A 19 4.45 8.55 -26.70
N GLN A 20 3.86 9.19 -25.70
CA GLN A 20 2.74 10.09 -25.93
C GLN A 20 3.19 11.26 -26.78
N GLU A 21 4.27 11.90 -26.36
CA GLU A 21 4.81 13.04 -27.08
C GLU A 21 5.23 12.64 -28.50
N ALA A 22 5.71 11.41 -28.66
CA ALA A 22 6.13 10.94 -29.97
C ALA A 22 4.94 10.85 -30.91
N ALA A 23 3.82 10.35 -30.38
CA ALA A 23 2.59 10.21 -31.15
C ALA A 23 2.00 11.55 -31.57
N CYS A 24 2.05 12.53 -30.68
CA CYS A 24 1.49 13.86 -30.97
C CYS A 24 2.46 14.78 -31.70
N PHE A 25 3.74 14.45 -31.67
CA PHE A 25 4.76 15.25 -32.35
C PHE A 25 5.67 14.36 -33.18
N PRO A 26 5.08 13.53 -34.06
CA PRO A 26 5.88 12.63 -34.90
C PRO A 26 6.90 13.32 -35.79
N ASP A 27 6.69 14.59 -36.09
CA ASP A 27 7.62 15.33 -36.93
C ASP A 27 8.88 15.68 -36.15
N ILE A 28 8.76 15.75 -34.82
CA ILE A 28 9.90 16.07 -33.98
C ILE A 28 10.69 14.81 -33.65
N ILE A 29 9.98 13.74 -33.31
CA ILE A 29 10.62 12.47 -32.96
C ILE A 29 11.38 11.90 -34.15
N SER A 30 10.75 11.91 -35.32
CA SER A 30 11.39 11.41 -36.52
C SER A 30 11.85 12.62 -37.32
N GLY A 31 12.85 13.30 -36.78
CA GLY A 31 13.40 14.48 -37.42
C GLY A 31 14.66 14.90 -36.68
N PRO A 32 15.30 16.01 -37.05
CA PRO A 32 16.52 16.47 -36.40
C PRO A 32 16.44 16.34 -34.88
N GLN A 33 17.40 15.63 -34.30
CA GLN A 33 17.44 15.42 -32.86
C GLN A 33 17.71 16.74 -32.12
N GLN A 34 18.18 17.73 -32.86
CA GLN A 34 18.45 19.03 -32.28
C GLN A 34 17.12 19.70 -31.96
N THR A 35 16.13 19.44 -32.81
CA THR A 35 14.81 20.03 -32.62
C THR A 35 14.14 19.36 -31.41
N GLN A 36 14.51 18.11 -31.14
CA GLN A 36 13.97 17.37 -30.00
C GLN A 36 14.48 18.01 -28.71
N LYS A 37 15.76 18.39 -28.74
CA LYS A 37 16.39 19.03 -27.60
C LYS A 37 15.64 20.33 -27.31
N VAL A 38 15.23 21.01 -28.38
CA VAL A 38 14.49 22.26 -28.27
C VAL A 38 13.10 21.98 -27.71
N PHE A 39 12.48 20.90 -28.19
CA PHE A 39 11.15 20.50 -27.75
C PHE A 39 11.17 20.24 -26.25
N LEU A 40 12.10 19.39 -25.80
CA LEU A 40 12.22 19.06 -24.38
C LEU A 40 12.44 20.29 -23.51
N PHE A 41 13.22 21.24 -24.01
CA PHE A 41 13.47 22.43 -23.21
C PHE A 41 12.21 23.27 -23.09
N ILE A 42 11.48 23.41 -24.20
CA ILE A 42 10.25 24.20 -24.20
C ILE A 42 9.27 23.53 -23.23
N ARG A 43 9.13 22.22 -23.37
CA ARG A 43 8.25 21.44 -22.53
C ARG A 43 8.64 21.53 -21.04
N ASN A 44 9.92 21.28 -20.73
CA ASN A 44 10.37 21.35 -19.33
C ASN A 44 10.22 22.76 -18.78
N ARG A 45 10.49 23.77 -19.61
CA ARG A 45 10.40 25.15 -19.18
C ARG A 45 8.95 25.59 -18.92
N THR A 46 8.03 25.12 -19.76
CA THR A 46 6.62 25.47 -19.60
C THR A 46 6.06 24.85 -18.33
N LEU A 47 6.51 23.64 -18.02
CA LEU A 47 6.09 22.94 -16.80
C LEU A 47 6.57 23.73 -15.61
N GLN A 48 7.85 24.13 -15.65
CA GLN A 48 8.44 24.90 -14.57
C GLN A 48 7.68 26.20 -14.30
N LEU A 49 7.27 26.90 -15.36
CA LEU A 49 6.55 28.15 -15.20
C LEU A 49 5.23 27.89 -14.47
N TRP A 50 4.55 26.81 -14.86
CA TRP A 50 3.29 26.46 -14.24
C TRP A 50 3.50 26.04 -12.79
N LEU A 51 4.41 25.08 -12.57
CA LEU A 51 4.70 24.57 -11.24
C LEU A 51 5.21 25.63 -10.24
N ASP A 52 5.86 26.68 -10.74
CA ASP A 52 6.37 27.73 -9.86
C ASP A 52 5.25 28.65 -9.37
N ASN A 53 4.10 28.58 -10.02
CA ASN A 53 2.95 29.38 -9.60
C ASN A 53 1.68 28.73 -10.08
N PRO A 54 1.30 27.61 -9.43
CA PRO A 54 0.11 26.84 -9.76
C PRO A 54 -1.25 27.46 -9.41
N LYS A 55 -1.23 28.67 -8.86
CA LYS A 55 -2.46 29.36 -8.49
C LYS A 55 -3.02 30.24 -9.59
N ILE A 56 -2.24 30.43 -10.64
CA ILE A 56 -2.69 31.25 -11.77
C ILE A 56 -2.57 30.48 -13.08
N GLN A 57 -3.54 30.67 -13.97
CA GLN A 57 -3.55 30.01 -15.26
C GLN A 57 -2.31 30.43 -16.07
N LEU A 58 -1.66 29.47 -16.73
CA LEU A 58 -0.50 29.78 -17.55
C LEU A 58 -0.95 29.83 -19.01
N THR A 59 -1.07 31.03 -19.56
CA THR A 59 -1.51 31.18 -20.94
C THR A 59 -0.40 30.92 -21.94
N PHE A 60 -0.79 30.71 -23.19
CA PHE A 60 0.18 30.49 -24.26
C PHE A 60 1.04 31.75 -24.38
N GLU A 61 0.38 32.89 -24.31
CA GLU A 61 0.99 34.20 -24.40
C GLU A 61 2.04 34.45 -23.31
N ALA A 62 1.67 34.18 -22.06
CA ALA A 62 2.58 34.38 -20.96
C ALA A 62 3.77 33.41 -21.04
N THR A 63 3.56 32.24 -21.60
CA THR A 63 4.65 31.27 -21.72
C THR A 63 5.67 31.81 -22.72
N LEU A 64 5.16 32.32 -23.85
CA LEU A 64 6.01 32.87 -24.89
C LEU A 64 6.85 34.05 -24.39
N GLN A 65 6.24 34.94 -23.62
CA GLN A 65 6.92 36.11 -23.10
C GLN A 65 7.93 35.81 -21.99
N GLN A 66 7.90 34.60 -21.46
CA GLN A 66 8.83 34.25 -20.39
C GLN A 66 9.92 33.31 -20.85
N LEU A 67 9.82 32.82 -22.08
CA LEU A 67 10.84 31.95 -22.63
C LEU A 67 11.98 32.85 -23.10
N GLU A 68 13.21 32.41 -22.89
CA GLU A 68 14.38 33.18 -23.31
C GLU A 68 14.70 32.89 -24.77
N ALA A 69 15.41 33.80 -25.42
CA ALA A 69 15.78 33.60 -26.81
C ALA A 69 16.72 32.38 -26.88
N PRO A 70 16.71 31.64 -28.01
CA PRO A 70 15.94 31.80 -29.24
C PRO A 70 14.56 31.13 -29.22
N TYR A 71 14.20 30.54 -28.08
CA TYR A 71 12.92 29.86 -27.93
C TYR A 71 11.68 30.71 -28.11
N ASN A 72 11.71 31.93 -27.59
CA ASN A 72 10.57 32.83 -27.71
C ASN A 72 10.32 33.31 -29.14
N SER A 73 11.13 32.82 -30.08
CA SER A 73 10.98 33.20 -31.49
C SER A 73 10.24 32.12 -32.27
N ASP A 74 10.29 30.89 -31.76
CA ASP A 74 9.61 29.78 -32.41
C ASP A 74 8.19 29.69 -31.87
N THR A 75 7.40 30.69 -32.20
CA THR A 75 6.01 30.80 -31.78
C THR A 75 5.10 29.60 -32.03
N VAL A 76 5.19 28.99 -33.20
CA VAL A 76 4.36 27.83 -33.51
C VAL A 76 4.68 26.61 -32.66
N LEU A 77 5.96 26.35 -32.45
CA LEU A 77 6.36 25.19 -31.65
C LEU A 77 5.88 25.35 -30.20
N VAL A 78 6.09 26.54 -29.65
CA VAL A 78 5.68 26.82 -28.28
C VAL A 78 4.19 26.58 -28.11
N HIS A 79 3.40 27.08 -29.06
CA HIS A 79 1.96 26.90 -28.98
C HIS A 79 1.59 25.43 -29.03
N ARG A 80 2.28 24.67 -29.87
CA ARG A 80 2.03 23.23 -29.99
C ARG A 80 2.32 22.50 -28.68
N VAL A 81 3.36 22.94 -27.99
CA VAL A 81 3.76 22.31 -26.73
C VAL A 81 2.83 22.74 -25.59
N HIS A 82 2.48 24.03 -25.55
CA HIS A 82 1.59 24.54 -24.52
C HIS A 82 0.19 23.92 -24.63
N SER A 83 -0.30 23.75 -25.85
CA SER A 83 -1.62 23.17 -26.08
C SER A 83 -1.68 21.71 -25.63
N TYR A 84 -0.62 20.98 -25.97
CA TYR A 84 -0.52 19.57 -25.61
C TYR A 84 -0.50 19.41 -24.09
N LEU A 85 0.36 20.18 -23.42
CA LEU A 85 0.48 20.11 -21.97
C LEU A 85 -0.83 20.45 -21.27
N GLU A 86 -1.50 21.49 -21.75
CA GLU A 86 -2.76 21.92 -21.16
C GLU A 86 -3.87 20.89 -21.40
N ARG A 87 -3.95 20.36 -22.62
CA ARG A 87 -4.96 19.37 -22.97
C ARG A 87 -4.85 18.09 -22.11
N HIS A 88 -3.62 17.68 -21.81
CA HIS A 88 -3.40 16.47 -21.03
C HIS A 88 -3.27 16.73 -19.52
N GLY A 89 -3.63 17.93 -19.09
CA GLY A 89 -3.59 18.25 -17.67
C GLY A 89 -2.26 18.36 -16.95
N LEU A 90 -1.16 18.57 -17.67
CA LEU A 90 0.14 18.72 -17.04
C LEU A 90 0.36 20.15 -16.56
N ILE A 91 -0.42 21.09 -17.08
CA ILE A 91 -0.37 22.49 -16.64
C ILE A 91 -1.82 22.92 -16.58
N ASN A 92 -2.10 24.00 -15.84
CA ASN A 92 -3.46 24.48 -15.70
C ASN A 92 -4.46 23.38 -15.29
N PHE A 93 -4.19 22.71 -14.17
CA PHE A 93 -5.11 21.70 -13.66
C PHE A 93 -5.36 22.04 -12.19
N GLY A 94 -6.38 21.44 -11.60
CA GLY A 94 -6.69 21.74 -10.22
C GLY A 94 -7.47 23.04 -10.07
N ILE A 95 -7.10 23.85 -9.09
CA ILE A 95 -7.79 25.11 -8.85
C ILE A 95 -6.85 26.30 -8.98
N TYR A 96 -7.18 27.21 -9.90
CA TYR A 96 -6.36 28.38 -10.12
C TYR A 96 -7.19 29.54 -10.68
N LYS A 97 -6.65 30.75 -10.59
CA LYS A 97 -7.31 31.95 -11.10
C LYS A 97 -7.20 32.01 -12.63
N ARG A 98 -8.31 32.20 -13.30
CA ARG A 98 -8.30 32.32 -14.75
C ARG A 98 -8.01 33.76 -15.14
N ILE A 99 -7.07 33.98 -16.04
CA ILE A 99 -6.82 35.34 -16.49
C ILE A 99 -7.62 35.47 -17.78
N LYS A 100 -7.88 34.31 -18.40
CA LYS A 100 -8.68 34.24 -19.64
C LYS A 100 -10.06 33.66 -19.36
N PRO A 101 -11.01 34.49 -18.86
CA PRO A 101 -12.37 34.06 -18.54
C PRO A 101 -13.01 33.13 -19.59
N LEU A 102 -13.70 32.11 -19.09
CA LEU A 102 -14.36 31.10 -19.93
C LEU A 102 -15.36 31.67 -20.92
N PRO A 103 -15.38 31.14 -22.14
CA PRO A 103 -16.30 31.56 -23.21
C PRO A 103 -17.74 31.12 -22.97
N THR A 104 -18.67 32.04 -23.16
CA THR A 104 -20.08 31.77 -22.96
C THR A 104 -20.64 30.60 -23.77
N LYS A 105 -20.12 30.43 -24.99
CA LYS A 105 -20.56 29.34 -25.86
C LYS A 105 -19.91 28.02 -25.49
N LYS A 106 -20.70 27.12 -24.91
CA LYS A 106 -20.20 25.81 -24.49
C LYS A 106 -20.45 24.72 -25.53
N THR A 107 -19.36 24.09 -25.98
CA THR A 107 -19.39 23.04 -27.00
C THR A 107 -19.43 21.63 -26.43
N GLY A 108 -20.39 20.83 -26.89
CA GLY A 108 -20.50 19.46 -26.42
C GLY A 108 -21.00 19.33 -24.99
N LYS A 109 -21.78 18.29 -24.74
CA LYS A 109 -22.32 18.06 -23.41
C LYS A 109 -21.87 16.69 -22.88
N VAL A 110 -21.29 16.68 -21.69
CA VAL A 110 -20.85 15.43 -21.10
C VAL A 110 -21.34 15.29 -19.68
N ILE A 111 -21.88 14.10 -19.38
CA ILE A 111 -22.38 13.83 -18.04
C ILE A 111 -21.32 13.00 -17.31
N ILE A 112 -20.88 13.49 -16.15
CA ILE A 112 -19.90 12.76 -15.33
C ILE A 112 -20.70 12.07 -14.22
N ILE A 113 -20.50 10.77 -14.06
CA ILE A 113 -21.17 10.02 -13.01
C ILE A 113 -20.23 9.92 -11.81
N GLY A 114 -20.63 10.53 -10.70
CA GLY A 114 -19.79 10.50 -9.53
C GLY A 114 -19.04 11.80 -9.31
N SER A 115 -19.12 12.33 -8.11
CA SER A 115 -18.45 13.57 -7.79
C SER A 115 -17.25 13.38 -6.86
N GLY A 116 -16.52 12.28 -7.06
CA GLY A 116 -15.33 12.04 -6.26
C GLY A 116 -14.17 12.81 -6.87
N VAL A 117 -12.95 12.53 -6.41
CA VAL A 117 -11.81 13.26 -6.96
C VAL A 117 -11.61 13.07 -8.46
N SER A 118 -11.80 11.87 -8.98
CA SER A 118 -11.61 11.69 -10.42
C SER A 118 -12.67 12.46 -11.23
N GLY A 119 -13.93 12.37 -10.81
CA GLY A 119 -14.99 13.08 -11.51
C GLY A 119 -14.79 14.58 -11.42
N LEU A 120 -14.41 15.06 -10.24
CA LEU A 120 -14.19 16.48 -10.04
C LEU A 120 -13.01 17.00 -10.88
N ALA A 121 -11.92 16.23 -10.91
CA ALA A 121 -10.73 16.63 -11.66
C ALA A 121 -11.06 16.71 -13.15
N ALA A 122 -11.77 15.70 -13.64
CA ALA A 122 -12.17 15.66 -15.05
C ALA A 122 -13.16 16.78 -15.34
N ALA A 123 -14.10 17.00 -14.42
CA ALA A 123 -15.10 18.06 -14.60
C ALA A 123 -14.42 19.42 -14.82
N ARG A 124 -13.54 19.81 -13.90
CA ARG A 124 -12.87 21.11 -14.03
C ARG A 124 -12.11 21.27 -15.34
N GLN A 125 -11.47 20.20 -15.81
CA GLN A 125 -10.72 20.24 -17.05
C GLN A 125 -11.65 20.47 -18.23
N LEU A 126 -12.65 19.60 -18.36
CA LEU A 126 -13.64 19.69 -19.42
C LEU A 126 -14.30 21.07 -19.47
N GLN A 127 -14.57 21.64 -18.30
CA GLN A 127 -15.20 22.95 -18.22
C GLN A 127 -14.27 24.02 -18.77
N SER A 128 -13.01 24.00 -18.32
CA SER A 128 -12.03 24.98 -18.76
C SER A 128 -11.79 24.84 -20.27
N PHE A 129 -12.10 23.68 -20.82
CA PHE A 129 -11.96 23.44 -22.25
C PHE A 129 -13.20 23.94 -23.00
N GLY A 130 -14.13 24.55 -22.26
CA GLY A 130 -15.32 25.08 -22.88
C GLY A 130 -16.46 24.10 -23.15
N MET A 131 -16.46 22.94 -22.50
CA MET A 131 -17.53 21.99 -22.72
C MET A 131 -18.62 22.14 -21.65
N ASP A 132 -19.82 21.64 -21.96
CA ASP A 132 -20.94 21.70 -21.01
C ASP A 132 -20.89 20.43 -20.18
N VAL A 133 -20.61 20.58 -18.89
CA VAL A 133 -20.52 19.42 -18.03
C VAL A 133 -21.34 19.49 -16.76
N THR A 134 -22.02 18.38 -16.46
CA THR A 134 -22.83 18.27 -15.25
C THR A 134 -22.47 16.99 -14.53
N LEU A 135 -22.25 17.08 -13.22
CA LEU A 135 -21.93 15.90 -12.44
C LEU A 135 -23.16 15.42 -11.68
N LEU A 136 -23.40 14.11 -11.73
CA LEU A 136 -24.52 13.50 -11.02
C LEU A 136 -23.91 12.70 -9.86
N GLU A 137 -24.18 13.13 -8.64
CA GLU A 137 -23.65 12.49 -7.43
C GLU A 137 -24.74 11.93 -6.52
N ALA A 138 -24.69 10.64 -6.26
CA ALA A 138 -25.67 9.97 -5.42
C ALA A 138 -25.75 10.47 -3.98
N ARG A 139 -24.59 10.80 -3.38
CA ARG A 139 -24.55 11.27 -2.00
C ARG A 139 -25.01 12.71 -1.85
N ASP A 140 -25.07 13.19 -0.61
CA ASP A 140 -25.49 14.57 -0.34
C ASP A 140 -24.24 15.42 -0.10
N ARG A 141 -23.11 14.96 -0.63
CA ARG A 141 -21.84 15.69 -0.48
C ARG A 141 -20.92 15.25 -1.62
N VAL A 142 -19.88 16.03 -1.88
CA VAL A 142 -18.92 15.70 -2.92
C VAL A 142 -17.74 14.97 -2.24
N GLY A 143 -16.80 14.46 -3.04
CA GLY A 143 -15.62 13.80 -2.47
C GLY A 143 -15.55 12.29 -2.55
N GLY A 144 -16.69 11.62 -2.47
CA GLY A 144 -16.72 10.17 -2.53
C GLY A 144 -15.90 9.52 -1.42
N ARG A 145 -14.83 8.82 -1.81
CA ARG A 145 -14.01 8.15 -0.81
C ARG A 145 -13.06 9.03 -0.02
N VAL A 146 -13.15 10.34 -0.25
CA VAL A 146 -12.39 11.32 0.52
C VAL A 146 -13.53 11.90 1.36
N ALA A 147 -13.61 11.52 2.62
CA ALA A 147 -14.69 11.97 3.50
C ALA A 147 -14.16 12.44 4.85
N THR A 148 -14.50 13.66 5.23
CA THR A 148 -14.03 14.21 6.48
C THR A 148 -15.11 14.55 7.49
N PHE A 149 -14.92 14.13 8.73
CA PHE A 149 -15.84 14.42 9.80
C PHE A 149 -15.42 15.76 10.40
N ARG A 150 -16.34 16.71 10.48
CA ARG A 150 -16.06 18.04 11.05
C ARG A 150 -17.16 18.46 11.99
N LYS A 151 -16.81 18.74 13.24
CA LYS A 151 -17.77 19.18 14.24
C LYS A 151 -16.99 19.99 15.25
N GLY A 152 -17.38 21.26 15.44
CA GLY A 152 -16.67 22.12 16.37
C GLY A 152 -15.24 22.22 15.90
N ASN A 153 -14.28 21.88 16.77
CA ASN A 153 -12.87 21.93 16.39
C ASN A 153 -12.37 20.52 16.01
N TYR A 154 -13.28 19.54 16.02
CA TYR A 154 -12.91 18.18 15.68
C TYR A 154 -12.83 17.99 14.17
N VAL A 155 -11.75 17.34 13.74
CA VAL A 155 -11.52 17.02 12.34
C VAL A 155 -10.98 15.59 12.24
N ALA A 156 -11.59 14.76 11.39
CA ALA A 156 -11.12 13.39 11.23
C ALA A 156 -11.54 12.84 9.88
N ASP A 157 -10.62 12.16 9.20
CA ASP A 157 -10.91 11.58 7.89
C ASP A 157 -11.38 10.14 8.02
N LEU A 158 -12.49 9.82 7.36
CA LEU A 158 -13.03 8.46 7.39
C LEU A 158 -12.60 7.72 6.13
N GLY A 159 -12.14 8.49 5.15
CA GLY A 159 -11.66 7.90 3.91
C GLY A 159 -10.17 8.16 3.82
N ALA A 160 -9.69 8.55 2.64
CA ALA A 160 -8.26 8.82 2.46
C ALA A 160 -7.76 9.84 3.49
N MET A 161 -6.53 9.67 3.95
CA MET A 161 -5.95 10.57 4.94
C MET A 161 -4.45 10.81 4.71
N VAL A 162 -3.82 9.92 3.96
CA VAL A 162 -2.39 10.00 3.70
C VAL A 162 -2.03 10.48 2.29
N VAL A 163 -1.04 11.38 2.22
CA VAL A 163 -0.52 11.88 0.95
C VAL A 163 0.84 11.17 0.86
N THR A 164 1.09 10.45 -0.24
CA THR A 164 2.29 9.64 -0.39
C THR A 164 3.64 10.17 -0.88
N GLY A 165 4.11 11.32 -0.44
CA GLY A 165 5.40 11.75 -0.95
C GLY A 165 5.17 12.71 -2.09
N LEU A 166 5.64 13.93 -1.92
CA LEU A 166 5.44 15.00 -2.88
C LEU A 166 6.23 15.00 -4.19
N GLY A 167 7.43 14.43 -4.18
CA GLY A 167 8.22 14.42 -5.38
C GLY A 167 7.56 13.69 -6.53
N GLY A 168 6.97 14.42 -7.46
CA GLY A 168 6.30 13.80 -8.60
C GLY A 168 4.80 13.64 -8.37
N ASN A 169 4.34 14.01 -7.17
CA ASN A 169 2.94 13.87 -6.82
C ASN A 169 2.08 15.07 -7.29
N PRO A 170 1.03 14.81 -8.09
CA PRO A 170 0.21 15.95 -8.51
C PRO A 170 -0.49 16.61 -7.32
N MET A 171 -0.64 15.87 -6.23
CA MET A 171 -1.27 16.44 -5.04
C MET A 171 -0.43 17.55 -4.42
N ALA A 172 0.85 17.61 -4.79
CA ALA A 172 1.75 18.63 -4.29
C ALA A 172 1.28 19.98 -4.82
N VAL A 173 0.76 19.94 -6.05
CA VAL A 173 0.25 21.14 -6.71
C VAL A 173 -1.09 21.51 -6.10
N VAL A 174 -1.99 20.54 -6.01
CA VAL A 174 -3.33 20.78 -5.47
C VAL A 174 -3.22 21.25 -4.03
N SER A 175 -2.23 20.74 -3.30
CA SER A 175 -2.02 21.13 -1.92
C SER A 175 -1.76 22.62 -1.83
N LYS A 176 -0.89 23.12 -2.71
CA LYS A 176 -0.59 24.55 -2.73
C LYS A 176 -1.81 25.37 -3.12
N GLN A 177 -2.58 24.85 -4.08
CA GLN A 177 -3.75 25.57 -4.56
C GLN A 177 -4.87 25.74 -3.53
N VAL A 178 -5.12 24.72 -2.70
CA VAL A 178 -6.18 24.81 -1.71
C VAL A 178 -5.70 25.12 -0.28
N ASN A 179 -4.40 25.36 -0.12
CA ASN A 179 -3.83 25.66 1.18
C ASN A 179 -4.05 24.52 2.17
N MET A 180 -3.88 23.28 1.74
CA MET A 180 -4.08 22.18 2.66
C MET A 180 -2.81 21.92 3.47
N GLU A 181 -2.97 21.86 4.78
CA GLU A 181 -1.88 21.63 5.73
C GLU A 181 -1.47 20.16 5.81
N LEU A 182 -0.21 19.89 5.48
CA LEU A 182 0.29 18.52 5.53
C LEU A 182 1.34 18.38 6.62
N ALA A 183 1.34 17.24 7.30
CA ALA A 183 2.31 16.97 8.35
C ALA A 183 2.97 15.63 8.05
N LYS A 184 4.30 15.59 8.09
CA LYS A 184 5.00 14.36 7.83
C LYS A 184 4.70 13.37 8.94
N ILE A 185 4.62 12.11 8.59
CA ILE A 185 4.35 11.08 9.57
C ILE A 185 5.65 10.70 10.25
N LYS A 186 5.69 10.82 11.57
CA LYS A 186 6.89 10.45 12.33
C LYS A 186 6.96 8.93 12.26
N GLN A 187 8.16 8.40 12.03
CA GLN A 187 8.34 6.96 11.91
C GLN A 187 8.10 6.10 13.14
N LYS A 188 8.49 6.58 14.31
CA LYS A 188 8.32 5.80 15.53
C LYS A 188 6.89 5.30 15.75
N CYS A 189 6.72 3.98 15.71
CA CYS A 189 5.41 3.38 15.94
C CYS A 189 5.54 2.28 16.98
N PRO A 190 5.40 2.64 18.27
CA PRO A 190 5.51 1.61 19.31
C PRO A 190 4.39 0.57 19.25
N LEU A 191 4.75 -0.68 19.51
CA LEU A 191 3.80 -1.77 19.49
C LEU A 191 3.52 -2.25 20.91
N TYR A 192 2.27 -2.61 21.17
CA TYR A 192 1.86 -3.12 22.48
C TYR A 192 1.15 -4.44 22.27
N GLU A 193 1.48 -5.42 23.11
CA GLU A 193 0.86 -6.73 23.00
C GLU A 193 -0.54 -6.68 23.57
N ALA A 194 -1.28 -7.77 23.41
CA ALA A 194 -2.66 -7.87 23.87
C ALA A 194 -2.85 -7.57 25.36
N ASN A 195 -1.80 -7.76 26.15
CA ASN A 195 -1.88 -7.48 27.58
C ASN A 195 -1.60 -5.99 27.84
N GLY A 196 -1.24 -5.27 26.78
CA GLY A 196 -0.97 -3.85 26.90
C GLY A 196 0.48 -3.45 27.10
N GLN A 197 1.37 -4.41 27.30
CA GLN A 197 2.77 -4.05 27.51
C GLN A 197 3.52 -3.84 26.21
N ALA A 198 4.39 -2.85 26.23
CA ALA A 198 5.17 -2.49 25.07
C ALA A 198 6.15 -3.55 24.64
N VAL A 199 6.37 -3.65 23.33
CA VAL A 199 7.31 -4.61 22.79
C VAL A 199 8.68 -3.92 22.81
N PRO A 200 9.68 -4.58 23.40
CA PRO A 200 11.06 -4.06 23.51
C PRO A 200 11.65 -3.72 22.14
N LYS A 201 12.42 -2.63 22.08
CA LYS A 201 13.05 -2.20 20.84
C LYS A 201 13.70 -3.37 20.11
N GLU A 202 14.36 -4.25 20.86
CA GLU A 202 15.03 -5.40 20.27
C GLU A 202 14.11 -6.30 19.46
N LYS A 203 13.09 -6.86 20.09
CA LYS A 203 12.18 -7.75 19.39
C LYS A 203 11.50 -7.05 18.23
N ASP A 204 11.08 -5.81 18.45
CA ASP A 204 10.41 -5.04 17.41
C ASP A 204 11.25 -5.07 16.14
N GLU A 205 12.53 -4.70 16.26
CA GLU A 205 13.42 -4.66 15.11
C GLU A 205 13.71 -6.06 14.55
N MET A 206 13.86 -7.04 15.43
CA MET A 206 14.13 -8.41 14.99
C MET A 206 13.00 -8.91 14.10
N VAL A 207 11.77 -8.85 14.61
CA VAL A 207 10.61 -9.33 13.86
C VAL A 207 10.38 -8.52 12.57
N GLU A 208 10.58 -7.21 12.63
CA GLU A 208 10.39 -6.41 11.43
C GLU A 208 11.41 -6.85 10.39
N GLN A 209 12.59 -7.27 10.85
CA GLN A 209 13.64 -7.72 9.95
C GLN A 209 13.20 -9.02 9.27
N GLU A 210 12.59 -9.92 10.04
CA GLU A 210 12.12 -11.18 9.51
C GLU A 210 11.00 -10.93 8.50
N PHE A 211 10.08 -10.03 8.85
CA PHE A 211 9.00 -9.69 7.96
C PHE A 211 9.59 -9.29 6.62
N ASN A 212 10.52 -8.33 6.63
CA ASN A 212 11.14 -7.89 5.40
C ASN A 212 11.80 -9.03 4.62
N ARG A 213 12.51 -9.91 5.32
CA ARG A 213 13.18 -11.03 4.67
C ARG A 213 12.17 -11.99 4.06
N LEU A 214 11.08 -12.20 4.79
CA LEU A 214 10.02 -13.09 4.34
C LEU A 214 9.42 -12.54 3.04
N LEU A 215 9.17 -11.23 2.99
CA LEU A 215 8.62 -10.62 1.78
C LEU A 215 9.58 -10.69 0.62
N GLU A 216 10.85 -10.40 0.90
CA GLU A 216 11.89 -10.43 -0.11
C GLU A 216 11.94 -11.85 -0.69
N ALA A 217 11.79 -12.85 0.18
CA ALA A 217 11.80 -14.22 -0.27
C ALA A 217 10.66 -14.52 -1.25
N THR A 218 9.44 -14.04 -0.97
CA THR A 218 8.31 -14.28 -1.87
C THR A 218 8.57 -13.63 -3.24
N SER A 219 9.26 -12.49 -3.22
CA SER A 219 9.58 -11.78 -4.44
C SER A 219 10.57 -12.62 -5.26
N TYR A 220 11.53 -13.24 -4.60
CA TYR A 220 12.53 -14.08 -5.27
C TYR A 220 11.80 -15.27 -5.87
N LEU A 221 11.00 -15.94 -5.04
CA LEU A 221 10.24 -17.09 -5.48
C LEU A 221 9.39 -16.78 -6.71
N SER A 222 8.80 -15.60 -6.72
CA SER A 222 7.94 -15.18 -7.82
C SER A 222 8.65 -14.66 -9.06
N HIS A 223 9.56 -13.71 -8.89
CA HIS A 223 10.27 -13.12 -10.02
C HIS A 223 11.67 -13.66 -10.24
N GLN A 224 11.82 -14.98 -10.23
CA GLN A 224 13.12 -15.61 -10.44
C GLN A 224 12.93 -17.09 -10.69
N LEU A 225 12.24 -17.74 -9.76
CA LEU A 225 11.97 -19.18 -9.86
C LEU A 225 10.56 -19.38 -10.42
N ASP A 226 9.98 -18.29 -10.91
CA ASP A 226 8.64 -18.27 -11.51
C ASP A 226 7.60 -19.19 -10.84
N PHE A 227 7.53 -19.12 -9.52
CA PHE A 227 6.59 -19.91 -8.72
C PHE A 227 5.30 -19.11 -8.56
N ASN A 228 4.54 -18.97 -9.65
CA ASN A 228 3.30 -18.19 -9.60
C ASN A 228 2.02 -18.98 -9.80
N VAL A 229 2.14 -20.24 -10.17
CA VAL A 229 0.97 -21.07 -10.38
C VAL A 229 1.12 -22.42 -9.69
N LEU A 230 0.04 -22.91 -9.10
CA LEU A 230 0.04 -24.18 -8.40
C LEU A 230 -1.34 -24.81 -8.52
N ASN A 231 -1.40 -26.04 -9.03
CA ASN A 231 -2.66 -26.74 -9.21
C ASN A 231 -3.57 -25.91 -10.13
N ASN A 232 -2.97 -25.27 -11.11
CA ASN A 232 -3.67 -24.43 -12.07
C ASN A 232 -4.30 -23.17 -11.47
N LYS A 233 -4.11 -22.98 -10.18
CA LYS A 233 -4.66 -21.80 -9.49
C LYS A 233 -3.51 -20.82 -9.28
N PRO A 234 -3.76 -19.51 -9.45
CA PRO A 234 -2.69 -18.52 -9.26
C PRO A 234 -2.31 -18.49 -7.78
N VAL A 235 -1.03 -18.31 -7.49
CA VAL A 235 -0.58 -18.26 -6.10
C VAL A 235 -0.75 -16.86 -5.51
N SER A 236 -1.25 -16.80 -4.29
CA SER A 236 -1.46 -15.53 -3.61
C SER A 236 -0.25 -15.20 -2.74
N LEU A 237 -0.10 -13.94 -2.40
CA LEU A 237 1.01 -13.52 -1.55
C LEU A 237 0.91 -14.24 -0.21
N GLY A 238 -0.31 -14.35 0.31
CA GLY A 238 -0.50 -15.01 1.59
C GLY A 238 0.01 -16.44 1.52
N GLN A 239 -0.33 -17.11 0.44
CA GLN A 239 0.05 -18.48 0.20
C GLN A 239 1.57 -18.61 0.24
N ALA A 240 2.24 -17.81 -0.59
CA ALA A 240 3.68 -17.82 -0.67
C ALA A 240 4.36 -17.58 0.67
N LEU A 241 3.82 -16.63 1.44
CA LEU A 241 4.35 -16.30 2.76
C LEU A 241 4.32 -17.48 3.72
N GLU A 242 3.21 -18.20 3.74
CA GLU A 242 3.08 -19.33 4.64
C GLU A 242 4.05 -20.45 4.23
N VAL A 243 4.36 -20.52 2.95
CA VAL A 243 5.28 -21.54 2.44
C VAL A 243 6.70 -21.16 2.87
N VAL A 244 7.04 -19.88 2.77
CA VAL A 244 8.37 -19.44 3.16
C VAL A 244 8.56 -19.60 4.67
N ILE A 245 7.48 -19.45 5.43
CA ILE A 245 7.53 -19.61 6.88
C ILE A 245 7.78 -21.08 7.19
N GLN A 246 7.10 -21.97 6.45
CA GLN A 246 7.27 -23.42 6.64
C GLN A 246 8.70 -23.84 6.41
N LEU A 247 9.32 -23.30 5.36
CA LEU A 247 10.70 -23.63 5.06
C LEU A 247 11.62 -23.18 6.20
N GLN A 248 11.34 -22.01 6.77
CA GLN A 248 12.15 -21.52 7.87
C GLN A 248 12.02 -22.45 9.07
N GLU A 249 10.81 -22.94 9.30
CA GLU A 249 10.57 -23.86 10.40
C GLU A 249 11.28 -25.18 10.10
N LYS A 250 11.29 -25.61 8.84
CA LYS A 250 11.95 -26.84 8.47
C LYS A 250 13.45 -26.72 8.75
N HIS A 251 14.03 -25.62 8.31
CA HIS A 251 15.46 -25.37 8.50
C HIS A 251 15.83 -25.39 9.98
N VAL A 252 15.03 -24.72 10.80
CA VAL A 252 15.28 -24.64 12.23
C VAL A 252 15.25 -26.04 12.83
N LYS A 253 14.25 -26.83 12.45
CA LYS A 253 14.14 -28.18 12.96
C LYS A 253 15.33 -29.05 12.52
N ASP A 254 15.81 -28.84 11.30
CA ASP A 254 16.94 -29.62 10.78
C ASP A 254 18.23 -29.33 11.53
N GLU A 255 18.46 -28.07 11.89
CA GLU A 255 19.67 -27.71 12.61
C GLU A 255 19.59 -28.17 14.04
N GLN A 256 18.35 -28.35 14.52
CA GLN A 256 18.13 -28.83 15.86
C GLN A 256 18.48 -30.31 15.86
N ILE A 257 18.00 -31.04 14.85
CA ILE A 257 18.27 -32.46 14.71
C ILE A 257 19.77 -32.73 14.67
N GLU A 258 20.47 -32.04 13.77
CA GLU A 258 21.91 -32.21 13.63
C GLU A 258 22.64 -31.94 14.93
N HIS A 259 22.15 -30.96 15.68
CA HIS A 259 22.78 -30.62 16.95
C HIS A 259 22.60 -31.72 17.98
N TRP A 260 21.39 -32.27 18.08
CA TRP A 260 21.14 -33.35 19.02
C TRP A 260 22.03 -34.53 18.69
N LYS A 261 22.27 -34.76 17.41
CA LYS A 261 23.10 -35.88 16.99
C LYS A 261 24.56 -35.67 17.42
N LYS A 262 25.02 -34.42 17.44
CA LYS A 262 26.39 -34.15 17.87
C LYS A 262 26.46 -34.48 19.36
N ILE A 263 25.40 -34.14 20.07
CA ILE A 263 25.31 -34.40 21.50
C ILE A 263 25.33 -35.90 21.76
N VAL A 264 24.44 -36.63 21.09
CA VAL A 264 24.37 -38.07 21.27
C VAL A 264 25.66 -38.80 20.85
N LYS A 265 26.34 -38.29 19.83
CA LYS A 265 27.58 -38.91 19.37
C LYS A 265 28.65 -38.74 20.45
N THR A 266 28.73 -37.52 20.96
CA THR A 266 29.70 -37.20 22.01
C THR A 266 29.36 -37.99 23.28
N GLN A 267 28.08 -38.17 23.54
CA GLN A 267 27.66 -38.91 24.73
C GLN A 267 27.99 -40.40 24.62
N GLU A 268 28.02 -40.93 23.39
CA GLU A 268 28.34 -42.34 23.19
C GLU A 268 29.83 -42.55 23.30
N GLU A 269 30.61 -41.64 22.73
CA GLU A 269 32.06 -41.72 22.77
C GLU A 269 32.52 -41.71 24.22
N LEU A 270 31.83 -40.93 25.05
CA LEU A 270 32.16 -40.85 26.46
C LEU A 270 31.84 -42.15 27.18
N LYS A 271 30.59 -42.60 27.09
CA LYS A 271 30.19 -43.84 27.74
C LYS A 271 31.17 -44.96 27.42
N GLU A 272 31.48 -45.12 26.14
CA GLU A 272 32.41 -46.16 25.68
C GLU A 272 33.81 -45.95 26.25
N LEU A 273 34.22 -44.69 26.36
CA LEU A 273 35.53 -44.35 26.87
C LEU A 273 35.59 -44.64 28.37
N LEU A 274 34.53 -44.29 29.09
CA LEU A 274 34.48 -44.55 30.51
C LEU A 274 34.57 -46.05 30.77
N ASN A 275 33.96 -46.83 29.88
CA ASN A 275 33.95 -48.29 30.02
C ASN A 275 35.31 -48.97 29.89
N LYS A 276 36.16 -48.49 28.99
CA LYS A 276 37.47 -49.11 28.85
C LYS A 276 38.39 -48.63 29.97
N MET A 277 38.07 -47.48 30.55
CA MET A 277 38.85 -46.93 31.65
C MET A 277 38.56 -47.75 32.90
N VAL A 278 37.29 -48.13 33.06
CA VAL A 278 36.88 -48.94 34.19
C VAL A 278 37.60 -50.28 34.12
N ASN A 279 37.81 -50.78 32.90
CA ASN A 279 38.49 -52.05 32.70
C ASN A 279 40.00 -51.91 32.87
N LEU A 280 40.52 -50.71 32.65
CA LEU A 280 41.94 -50.46 32.81
C LEU A 280 42.22 -50.31 34.30
N LYS A 281 41.20 -49.89 35.06
CA LYS A 281 41.34 -49.75 36.50
C LYS A 281 41.38 -51.16 37.07
N GLU A 282 40.50 -52.00 36.54
CA GLU A 282 40.41 -53.39 36.96
C GLU A 282 41.70 -54.13 36.58
N LYS A 283 42.39 -53.63 35.57
CA LYS A 283 43.64 -54.23 35.10
C LYS A 283 44.80 -53.76 35.97
N ILE A 284 44.67 -52.55 36.50
CA ILE A 284 45.69 -51.96 37.36
C ILE A 284 45.59 -52.57 38.76
N LYS A 285 44.37 -52.89 39.18
CA LYS A 285 44.17 -53.51 40.49
C LYS A 285 44.83 -54.89 40.45
N GLU A 286 44.74 -55.55 39.30
CA GLU A 286 45.31 -56.89 39.09
C GLU A 286 46.80 -56.88 39.40
N LEU A 287 47.38 -55.69 39.34
CA LEU A 287 48.80 -55.49 39.63
C LEU A 287 49.09 -54.93 41.02
N HIS A 288 48.36 -53.87 41.42
CA HIS A 288 48.48 -53.31 42.75
C HIS A 288 47.83 -54.39 43.59
N GLN A 289 48.34 -55.60 43.36
CA GLN A 289 47.97 -56.88 43.97
C GLN A 289 48.81 -57.80 43.09
N GLN A 290 49.30 -58.90 43.68
CA GLN A 290 50.15 -59.85 42.97
C GLN A 290 51.61 -59.33 43.01
N TYR A 291 51.78 -58.14 42.43
CA TYR A 291 53.06 -57.48 42.34
C TYR A 291 53.66 -57.22 43.71
N LYS A 292 54.48 -58.16 44.17
CA LYS A 292 55.13 -58.02 45.48
C LYS A 292 55.56 -59.36 46.02
N GLU A 293 56.17 -60.19 45.17
CA GLU A 293 56.63 -61.49 45.61
C GLU A 293 57.94 -61.84 44.92
N ASP A 302 60.81 -63.13 43.34
CA ASP A 302 60.78 -63.11 44.83
C ASP A 302 62.03 -62.42 45.39
N ILE A 303 63.17 -63.07 45.16
CA ILE A 303 64.47 -62.60 45.60
C ILE A 303 65.17 -62.11 44.34
N THR A 304 64.63 -62.54 43.20
CA THR A 304 65.12 -62.13 41.89
C THR A 304 64.44 -60.78 41.73
N ALA A 305 63.56 -60.48 42.69
CA ALA A 305 62.79 -59.25 42.74
C ALA A 305 63.54 -57.99 42.32
N GLU A 306 64.85 -57.95 42.57
CA GLU A 306 65.62 -56.78 42.18
C GLU A 306 65.35 -56.55 40.69
N PHE A 307 64.84 -57.59 40.05
CA PHE A 307 64.50 -57.54 38.63
C PHE A 307 62.99 -57.74 38.46
N LEU A 308 62.34 -58.35 39.45
CA LEU A 308 60.91 -58.58 39.40
C LEU A 308 60.11 -57.37 39.86
N VAL A 309 60.72 -56.55 40.71
CA VAL A 309 60.05 -55.36 41.19
C VAL A 309 60.23 -54.29 40.12
N LYS A 310 61.41 -54.26 39.51
CA LYS A 310 61.69 -53.32 38.44
C LYS A 310 60.67 -53.57 37.33
N SER A 311 60.53 -54.85 36.97
CA SER A 311 59.60 -55.26 35.92
C SER A 311 58.17 -54.89 36.25
N LYS A 312 57.70 -55.32 37.43
CA LYS A 312 56.34 -55.02 37.85
C LYS A 312 56.13 -53.52 38.00
N HIS A 313 57.23 -52.78 38.11
CA HIS A 313 57.13 -51.33 38.26
C HIS A 313 57.01 -50.65 36.90
N ARG A 314 57.93 -50.93 35.97
CA ARG A 314 57.85 -50.33 34.66
C ARG A 314 56.63 -50.86 33.89
N ASP A 315 55.94 -51.81 34.51
CA ASP A 315 54.74 -52.40 33.94
C ASP A 315 53.52 -51.68 34.50
N LEU A 316 53.50 -51.52 35.81
CA LEU A 316 52.39 -50.86 36.49
C LEU A 316 52.35 -49.36 36.18
N THR A 317 53.48 -48.81 35.75
CA THR A 317 53.54 -47.39 35.42
C THR A 317 53.07 -47.20 33.99
N ALA A 318 53.47 -48.11 33.11
CA ALA A 318 53.08 -48.05 31.71
C ALA A 318 51.55 -48.08 31.60
N LEU A 319 50.90 -48.68 32.60
CA LEU A 319 49.44 -48.75 32.62
C LEU A 319 48.84 -47.48 33.21
N CYS A 320 49.69 -46.49 33.44
CA CYS A 320 49.25 -45.21 33.96
C CYS A 320 49.57 -44.19 32.87
N LYS A 321 50.51 -44.57 32.01
CA LYS A 321 50.90 -43.75 30.86
C LYS A 321 49.77 -44.00 29.86
N GLU A 322 48.92 -44.96 30.21
CA GLU A 322 47.76 -45.35 29.42
C GLU A 322 46.50 -44.73 30.01
N TYR A 323 46.31 -44.97 31.31
CA TYR A 323 45.13 -44.48 32.01
C TYR A 323 44.95 -42.97 32.05
N ASP A 324 45.67 -42.26 32.91
CA ASP A 324 45.50 -40.82 32.98
C ASP A 324 45.65 -40.16 31.60
N GLU A 325 46.11 -40.94 30.62
CA GLU A 325 46.26 -40.43 29.27
C GLU A 325 44.85 -40.39 28.64
N LEU A 326 44.03 -41.33 29.08
CA LEU A 326 42.64 -41.43 28.61
C LEU A 326 41.81 -40.35 29.30
N ALA A 327 42.14 -40.08 30.57
CA ALA A 327 41.43 -39.06 31.32
C ALA A 327 41.65 -37.72 30.63
N GLU A 328 42.71 -37.66 29.83
CA GLU A 328 43.06 -36.46 29.07
C GLU A 328 42.17 -36.40 27.84
N THR A 329 42.15 -37.49 27.08
CA THR A 329 41.30 -37.55 25.90
C THR A 329 39.85 -37.66 26.34
N GLN A 330 39.64 -37.61 27.65
CA GLN A 330 38.29 -37.68 28.22
C GLN A 330 37.85 -36.25 28.53
N GLY A 331 38.80 -35.43 28.97
CA GLY A 331 38.50 -34.06 29.29
C GLY A 331 38.26 -33.25 28.03
N LYS A 332 38.73 -33.78 26.90
CA LYS A 332 38.56 -33.11 25.61
C LYS A 332 37.19 -33.45 25.03
N LEU A 333 36.44 -34.27 25.74
CA LEU A 333 35.10 -34.66 25.33
C LEU A 333 34.09 -33.98 26.24
N GLU A 334 34.35 -34.04 27.55
CA GLU A 334 33.48 -33.41 28.53
C GLU A 334 33.44 -31.91 28.27
N GLU A 335 34.47 -31.43 27.59
CA GLU A 335 34.61 -30.02 27.24
C GLU A 335 33.79 -29.75 25.98
N LYS A 336 33.93 -30.65 25.01
CA LYS A 336 33.21 -30.54 23.76
C LYS A 336 31.72 -30.69 24.05
N LEU A 337 31.40 -31.64 24.92
CA LEU A 337 30.02 -31.90 25.31
C LEU A 337 29.37 -30.67 25.93
N GLN A 338 29.86 -30.28 27.09
CA GLN A 338 29.30 -29.13 27.81
C GLN A 338 29.23 -27.87 26.94
N GLU A 339 30.10 -27.78 25.94
CA GLU A 339 30.14 -26.64 25.05
C GLU A 339 28.93 -26.68 24.10
N LEU A 340 28.52 -27.87 23.71
CA LEU A 340 27.39 -28.07 22.81
C LEU A 340 26.05 -27.90 23.54
N GLU A 341 25.92 -28.55 24.70
CA GLU A 341 24.71 -28.50 25.50
C GLU A 341 24.50 -27.12 26.12
N ALA A 342 25.37 -26.19 25.76
CA ALA A 342 25.31 -24.81 26.27
C ALA A 342 25.09 -23.81 25.14
N ASN A 343 25.32 -24.25 23.90
CA ASN A 343 25.13 -23.40 22.73
C ASN A 343 24.18 -24.06 21.72
N PRO A 344 22.94 -24.36 22.15
CA PRO A 344 21.93 -24.99 21.29
C PRO A 344 21.40 -24.05 20.21
N PRO A 345 21.09 -24.58 19.02
CA PRO A 345 20.56 -23.71 17.97
C PRO A 345 19.14 -23.31 18.38
N SER A 346 18.54 -22.40 17.62
CA SER A 346 17.18 -21.94 17.91
C SER A 346 16.24 -23.13 18.09
N ASP A 347 15.39 -23.05 19.11
CA ASP A 347 14.43 -24.08 19.40
C ASP A 347 13.26 -24.01 18.43
N VAL A 348 12.90 -22.79 18.04
CA VAL A 348 11.80 -22.56 17.12
C VAL A 348 12.12 -21.37 16.21
N TYR A 349 11.41 -21.25 15.10
CA TYR A 349 11.62 -20.15 14.19
C TYR A 349 11.04 -18.90 14.85
N LEU A 350 9.76 -18.97 15.20
CA LEU A 350 9.10 -17.86 15.85
C LEU A 350 8.35 -18.38 17.07
N SER A 351 8.58 -17.74 18.22
CA SER A 351 7.88 -18.14 19.42
C SER A 351 6.43 -17.70 19.22
N SER A 352 5.53 -18.25 20.01
CA SER A 352 4.11 -17.89 19.89
C SER A 352 3.94 -16.37 19.92
N ARG A 353 4.66 -15.70 20.81
CA ARG A 353 4.57 -14.26 20.91
C ARG A 353 5.20 -13.56 19.72
N ASP A 354 6.24 -14.17 19.15
CA ASP A 354 6.91 -13.59 18.00
C ASP A 354 5.98 -13.62 16.78
N ARG A 355 5.25 -14.73 16.63
CA ARG A 355 4.34 -14.91 15.52
C ARG A 355 3.24 -13.86 15.58
N GLN A 356 2.82 -13.49 16.79
CA GLN A 356 1.78 -12.49 16.95
C GLN A 356 2.28 -11.13 16.47
N ILE A 357 3.53 -10.81 16.80
CA ILE A 357 4.09 -9.54 16.39
C ILE A 357 4.26 -9.55 14.86
N LEU A 358 4.66 -10.69 14.30
CA LEU A 358 4.83 -10.80 12.86
C LEU A 358 3.47 -10.56 12.20
N ASP A 359 2.41 -11.16 12.75
CA ASP A 359 1.07 -10.96 12.22
C ASP A 359 0.67 -9.49 12.25
N TRP A 360 1.24 -8.71 13.17
CA TRP A 360 0.91 -7.29 13.21
C TRP A 360 1.45 -6.65 11.92
N HIS A 361 2.63 -7.07 11.50
CA HIS A 361 3.24 -6.56 10.29
C HIS A 361 2.44 -6.99 9.05
N PHE A 362 1.83 -8.17 9.10
CA PHE A 362 1.03 -8.65 7.97
C PHE A 362 -0.27 -7.85 7.91
N ALA A 363 -0.82 -7.56 9.09
CA ALA A 363 -2.04 -6.77 9.20
C ALA A 363 -1.75 -5.41 8.56
N ASN A 364 -0.58 -4.86 8.89
CA ASN A 364 -0.18 -3.56 8.35
C ASN A 364 -0.12 -3.62 6.81
N LEU A 365 0.29 -4.77 6.27
CA LEU A 365 0.36 -4.94 4.83
C LEU A 365 -1.07 -5.10 4.29
N GLU A 366 -1.96 -5.69 5.09
CA GLU A 366 -3.35 -5.88 4.67
C GLU A 366 -4.06 -4.54 4.69
N PHE A 367 -3.61 -3.63 5.55
CA PHE A 367 -4.17 -2.31 5.62
C PHE A 367 -3.82 -1.59 4.32
N ALA A 368 -2.52 -1.56 3.99
CA ALA A 368 -2.03 -0.89 2.79
C ALA A 368 -2.67 -1.38 1.49
N ASN A 369 -2.98 -2.66 1.39
CA ASN A 369 -3.59 -3.21 0.19
C ASN A 369 -5.11 -3.36 0.36
N ALA A 370 -5.62 -2.97 1.52
CA ALA A 370 -7.04 -3.06 1.83
C ALA A 370 -7.62 -4.45 1.60
N THR A 371 -6.86 -5.48 1.88
CA THR A 371 -7.40 -6.82 1.65
C THR A 371 -6.53 -7.90 2.28
N PRO A 372 -7.12 -9.06 2.63
CA PRO A 372 -6.37 -10.17 3.22
C PRO A 372 -5.29 -10.62 2.25
N LEU A 373 -4.10 -10.91 2.78
CA LEU A 373 -2.97 -11.32 1.96
C LEU A 373 -3.25 -12.53 1.07
N SER A 374 -4.15 -13.40 1.50
CA SER A 374 -4.50 -14.59 0.70
C SER A 374 -5.23 -14.25 -0.59
N THR A 375 -5.67 -13.00 -0.78
CA THR A 375 -6.37 -12.64 -2.01
C THR A 375 -5.46 -11.88 -2.99
N LEU A 376 -4.29 -11.48 -2.53
CA LEU A 376 -3.36 -10.73 -3.39
C LEU A 376 -2.58 -11.57 -4.38
N SER A 377 -2.37 -11.03 -5.57
CA SER A 377 -1.58 -11.73 -6.57
C SER A 377 -0.13 -11.75 -6.09
N LEU A 378 0.46 -12.93 -6.00
CA LEU A 378 1.86 -13.01 -5.57
C LEU A 378 2.71 -12.25 -6.58
N LYS A 379 2.47 -12.50 -7.86
CA LYS A 379 3.22 -11.86 -8.92
C LYS A 379 2.97 -10.39 -9.18
N HIS A 380 1.73 -9.91 -9.04
CA HIS A 380 1.46 -8.51 -9.34
C HIS A 380 0.97 -7.57 -8.25
N TRP A 381 0.86 -8.02 -7.00
CA TRP A 381 0.36 -7.13 -5.96
C TRP A 381 1.08 -5.79 -5.88
N ASP A 382 2.40 -5.79 -6.07
CA ASP A 382 3.18 -4.54 -6.01
C ASP A 382 3.59 -4.09 -7.42
N GLN A 383 2.76 -4.51 -8.37
CA GLN A 383 2.86 -4.22 -9.80
C GLN A 383 3.22 -2.75 -10.12
N ASP A 384 2.78 -1.81 -9.29
CA ASP A 384 3.01 -0.39 -9.52
C ASP A 384 4.14 0.25 -8.70
N ASP A 385 4.84 -0.56 -7.91
CA ASP A 385 5.91 -0.07 -7.05
C ASP A 385 6.90 0.83 -7.76
N ASP A 386 7.19 0.53 -9.01
CA ASP A 386 8.15 1.30 -9.76
C ASP A 386 7.74 2.76 -9.95
N PHE A 387 6.50 3.10 -9.61
CA PHE A 387 6.02 4.47 -9.78
C PHE A 387 5.89 5.30 -8.51
N GLU A 388 6.31 4.76 -7.37
CA GLU A 388 6.23 5.50 -6.10
C GLU A 388 6.84 6.89 -6.23
N PHE A 389 6.32 7.84 -5.45
CA PHE A 389 6.84 9.20 -5.46
C PHE A 389 7.96 9.22 -4.41
N THR A 390 8.84 10.22 -4.47
CA THR A 390 9.92 10.30 -3.50
C THR A 390 9.54 11.26 -2.37
N GLY A 391 10.03 10.99 -1.16
CA GLY A 391 9.72 11.83 -0.02
C GLY A 391 8.95 11.12 1.06
N SER A 392 8.75 11.80 2.20
CA SER A 392 8.02 11.22 3.31
C SER A 392 6.53 11.30 3.07
N HIS A 393 5.81 10.27 3.50
CA HIS A 393 4.36 10.27 3.37
C HIS A 393 3.87 11.29 4.38
N LEU A 394 2.78 11.97 4.07
CA LEU A 394 2.26 12.96 4.99
C LEU A 394 0.80 12.68 5.32
N THR A 395 0.29 13.45 6.26
CA THR A 395 -1.07 13.30 6.72
C THR A 395 -1.76 14.67 6.59
N VAL A 396 -3.07 14.68 6.38
CA VAL A 396 -3.78 15.95 6.22
C VAL A 396 -4.36 16.45 7.53
N ARG A 397 -3.62 17.36 8.15
CA ARG A 397 -3.98 17.95 9.43
C ARG A 397 -5.36 18.62 9.43
N ASN A 398 -5.73 19.25 8.34
CA ASN A 398 -7.02 19.95 8.31
C ASN A 398 -8.16 19.23 7.56
N GLY A 399 -8.00 17.93 7.35
CA GLY A 399 -9.02 17.15 6.67
C GLY A 399 -8.86 17.14 5.16
N TYR A 400 -8.72 15.94 4.60
CA TYR A 400 -8.53 15.78 3.17
C TYR A 400 -9.71 16.29 2.35
N SER A 401 -10.87 16.47 2.97
CA SER A 401 -12.04 16.93 2.21
C SER A 401 -11.84 18.33 1.63
N CYS A 402 -10.89 19.09 2.15
CA CYS A 402 -10.65 20.42 1.62
C CYS A 402 -10.28 20.40 0.13
N VAL A 403 -9.83 19.25 -0.37
CA VAL A 403 -9.47 19.12 -1.77
C VAL A 403 -10.70 19.00 -2.70
N PRO A 404 -11.58 18.03 -2.44
CA PRO A 404 -12.75 17.94 -3.33
C PRO A 404 -13.70 19.14 -3.16
N VAL A 405 -13.79 19.67 -1.95
CA VAL A 405 -14.65 20.83 -1.72
C VAL A 405 -14.17 22.01 -2.58
N ALA A 406 -12.85 22.23 -2.64
CA ALA A 406 -12.34 23.33 -3.45
C ALA A 406 -12.46 23.04 -4.94
N LEU A 407 -12.30 21.78 -5.33
CA LEU A 407 -12.40 21.37 -6.72
C LEU A 407 -13.83 21.50 -7.25
N ALA A 408 -14.79 21.48 -6.36
CA ALA A 408 -16.20 21.58 -6.73
C ALA A 408 -16.66 23.01 -7.07
N GLU A 409 -15.86 24.00 -6.71
CA GLU A 409 -16.18 25.40 -6.96
C GLU A 409 -16.53 25.70 -8.41
N GLY A 410 -17.72 26.29 -8.61
CA GLY A 410 -18.16 26.66 -9.95
C GLY A 410 -18.65 25.55 -10.85
N LEU A 411 -18.71 24.33 -10.32
CA LEU A 411 -19.18 23.22 -11.12
C LEU A 411 -20.67 23.00 -10.94
N ASP A 412 -21.30 22.41 -11.95
CA ASP A 412 -22.71 22.12 -11.88
C ASP A 412 -22.87 20.71 -11.34
N ILE A 413 -23.01 20.60 -10.02
CA ILE A 413 -23.13 19.31 -9.35
C ILE A 413 -24.52 19.04 -8.78
N LYS A 414 -25.09 17.90 -9.16
CA LYS A 414 -26.39 17.52 -8.66
C LYS A 414 -26.29 16.41 -7.62
N LEU A 415 -26.44 16.80 -6.37
CA LEU A 415 -26.36 15.85 -5.27
C LEU A 415 -27.63 15.02 -5.17
N ASN A 416 -27.65 14.08 -4.22
CA ASN A 416 -28.81 13.23 -4.00
C ASN A 416 -29.40 12.72 -5.30
N THR A 417 -28.55 12.54 -6.32
CA THR A 417 -29.00 12.06 -7.61
C THR A 417 -28.28 10.78 -8.00
N ALA A 418 -28.90 9.65 -7.72
CA ALA A 418 -28.34 8.34 -8.00
C ALA A 418 -28.65 7.84 -9.40
N VAL A 419 -27.60 7.58 -10.17
CA VAL A 419 -27.74 7.07 -11.53
C VAL A 419 -28.14 5.59 -11.48
N ARG A 420 -29.14 5.22 -12.27
CA ARG A 420 -29.59 3.83 -12.33
C ARG A 420 -29.42 3.23 -13.71
N GLN A 421 -29.42 4.05 -14.75
CA GLN A 421 -29.26 3.53 -16.10
C GLN A 421 -28.43 4.43 -17.02
N VAL A 422 -27.61 3.79 -17.84
CA VAL A 422 -26.76 4.49 -18.79
C VAL A 422 -26.95 3.90 -20.19
N ARG A 423 -27.54 4.70 -21.07
CA ARG A 423 -27.80 4.31 -22.45
C ARG A 423 -26.83 5.04 -23.36
N TYR A 424 -26.22 4.32 -24.29
CA TYR A 424 -25.28 4.92 -25.22
C TYR A 424 -25.48 4.35 -26.62
N THR A 425 -25.74 5.23 -27.59
CA THR A 425 -25.94 4.80 -28.96
C THR A 425 -24.94 5.48 -29.88
N ALA A 426 -24.91 5.04 -31.13
CA ALA A 426 -24.01 5.59 -32.13
C ALA A 426 -24.27 7.06 -32.42
N SER A 427 -25.29 7.62 -31.78
CA SER A 427 -25.64 9.01 -32.01
C SER A 427 -26.07 9.78 -30.76
N GLY A 428 -25.53 9.44 -29.60
CA GLY A 428 -25.90 10.15 -28.38
C GLY A 428 -25.99 9.27 -27.15
N CYS A 429 -26.17 9.91 -25.99
CA CYS A 429 -26.26 9.21 -24.72
C CYS A 429 -27.37 9.72 -23.83
N GLU A 430 -27.89 8.82 -22.99
CA GLU A 430 -28.95 9.14 -22.05
C GLU A 430 -28.60 8.53 -20.70
N VAL A 431 -28.64 9.33 -19.65
CA VAL A 431 -28.35 8.84 -18.32
C VAL A 431 -29.59 9.02 -17.45
N ILE A 432 -30.13 7.92 -16.94
CA ILE A 432 -31.32 7.98 -16.10
C ILE A 432 -30.93 7.87 -14.63
N ALA A 433 -31.39 8.82 -13.83
CA ALA A 433 -31.10 8.83 -12.41
C ALA A 433 -32.39 9.04 -11.62
N VAL A 434 -32.34 8.80 -10.32
CA VAL A 434 -33.51 9.00 -9.48
C VAL A 434 -33.10 9.82 -8.27
N ASN A 435 -34.05 10.58 -7.74
CA ASN A 435 -33.83 11.40 -6.56
C ASN A 435 -33.69 10.41 -5.41
N THR A 436 -32.63 10.50 -4.62
CA THR A 436 -32.46 9.57 -3.52
C THR A 436 -33.31 10.00 -2.33
N ARG A 437 -33.93 11.16 -2.43
CA ARG A 437 -34.77 11.68 -1.36
C ARG A 437 -36.24 11.36 -1.67
N SER A 438 -36.49 10.99 -2.91
CA SER A 438 -37.82 10.62 -3.39
C SER A 438 -37.64 9.78 -4.65
N THR A 439 -37.33 8.50 -4.46
CA THR A 439 -37.11 7.56 -5.55
C THR A 439 -38.25 7.50 -6.55
N SER A 440 -39.29 8.30 -6.29
CA SER A 440 -40.45 8.36 -7.17
C SER A 440 -40.05 9.10 -8.43
N GLN A 441 -39.50 10.31 -8.26
CA GLN A 441 -39.10 11.13 -9.38
C GLN A 441 -37.77 10.72 -9.99
N THR A 442 -37.75 10.63 -11.32
CA THR A 442 -36.55 10.27 -12.05
C THR A 442 -36.11 11.48 -12.86
N PHE A 443 -34.93 11.36 -13.46
CA PHE A 443 -34.37 12.43 -14.29
C PHE A 443 -33.78 11.75 -15.50
N ILE A 444 -33.79 12.46 -16.63
CA ILE A 444 -33.23 11.91 -17.85
C ILE A 444 -32.33 12.99 -18.42
N TYR A 445 -31.03 12.73 -18.39
CA TYR A 445 -30.06 13.69 -18.90
C TYR A 445 -29.50 13.21 -20.23
N LYS A 446 -29.66 14.02 -21.27
CA LYS A 446 -29.14 13.69 -22.58
C LYS A 446 -27.75 14.32 -22.68
N CYS A 447 -26.87 13.71 -23.46
CA CYS A 447 -25.51 14.23 -23.60
C CYS A 447 -24.79 13.50 -24.73
N ASP A 448 -23.65 14.04 -25.13
CA ASP A 448 -22.85 13.46 -26.21
C ASP A 448 -21.90 12.38 -25.69
N ALA A 449 -21.53 12.46 -24.42
CA ALA A 449 -20.62 11.49 -23.84
C ALA A 449 -20.84 11.34 -22.34
N VAL A 450 -20.60 10.14 -21.83
CA VAL A 450 -20.74 9.87 -20.42
C VAL A 450 -19.40 9.44 -19.86
N LEU A 451 -19.02 10.03 -18.72
CA LEU A 451 -17.77 9.69 -18.04
C LEU A 451 -18.18 8.99 -16.76
N CYS A 452 -17.93 7.69 -16.69
CA CYS A 452 -18.28 6.90 -15.52
C CYS A 452 -17.14 6.78 -14.49
N THR A 453 -17.31 7.38 -13.31
CA THR A 453 -16.28 7.27 -12.27
C THR A 453 -16.80 6.42 -11.11
N LEU A 454 -17.79 5.58 -11.41
CA LEU A 454 -18.35 4.69 -10.40
C LEU A 454 -17.25 3.79 -9.86
N PRO A 455 -17.21 3.57 -8.53
CA PRO A 455 -16.19 2.73 -7.89
C PRO A 455 -16.30 1.30 -8.42
N LEU A 456 -15.18 0.61 -8.49
CA LEU A 456 -15.15 -0.76 -8.96
C LEU A 456 -16.14 -1.61 -8.15
N GLY A 457 -16.31 -1.26 -6.87
CA GLY A 457 -17.23 -1.98 -6.02
C GLY A 457 -18.66 -1.89 -6.53
N VAL A 458 -19.03 -0.73 -7.07
CA VAL A 458 -20.38 -0.56 -7.59
C VAL A 458 -20.51 -1.30 -8.93
N LEU A 459 -19.45 -1.29 -9.73
CA LEU A 459 -19.48 -1.97 -11.02
C LEU A 459 -19.58 -3.49 -10.85
N LYS A 460 -19.07 -4.02 -9.74
CA LYS A 460 -19.11 -5.45 -9.48
C LYS A 460 -20.45 -5.89 -8.88
N GLN A 461 -21.20 -4.93 -8.37
CA GLN A 461 -22.46 -5.21 -7.72
C GLN A 461 -23.39 -6.15 -8.49
N GLN A 462 -23.93 -7.13 -7.76
CA GLN A 462 -24.85 -8.12 -8.31
C GLN A 462 -26.00 -8.34 -7.34
N PRO A 463 -27.24 -8.01 -7.76
CA PRO A 463 -27.59 -7.46 -9.08
C PRO A 463 -27.02 -6.04 -9.26
N PRO A 464 -26.72 -5.65 -10.51
CA PRO A 464 -26.17 -4.33 -10.84
C PRO A 464 -26.93 -3.13 -10.28
N ALA A 465 -26.17 -2.18 -9.75
CA ALA A 465 -26.76 -0.96 -9.20
C ALA A 465 -27.19 -0.07 -10.35
N VAL A 466 -26.37 0.00 -11.40
CA VAL A 466 -26.72 0.79 -12.56
C VAL A 466 -26.64 -0.12 -13.77
N GLN A 467 -27.57 0.08 -14.69
CA GLN A 467 -27.65 -0.74 -15.89
C GLN A 467 -27.07 -0.02 -17.09
N PHE A 468 -26.36 -0.77 -17.94
CA PHE A 468 -25.77 -0.23 -19.15
C PHE A 468 -26.52 -0.79 -20.35
N VAL A 469 -26.97 0.10 -21.23
CA VAL A 469 -27.72 -0.29 -22.42
C VAL A 469 -27.08 0.32 -23.66
N PRO A 470 -26.45 -0.50 -24.52
CA PRO A 470 -26.29 -1.96 -24.41
C PRO A 470 -25.49 -2.35 -23.18
N PRO A 471 -25.47 -3.65 -22.84
CA PRO A 471 -24.69 -4.07 -21.67
C PRO A 471 -23.22 -3.93 -22.03
N LEU A 472 -22.36 -3.74 -21.04
CA LEU A 472 -20.93 -3.60 -21.31
C LEU A 472 -20.36 -4.86 -21.97
N PRO A 473 -19.29 -4.71 -22.76
CA PRO A 473 -18.64 -5.83 -23.46
C PRO A 473 -18.16 -6.90 -22.47
N GLU A 474 -17.92 -8.10 -22.98
CA GLU A 474 -17.45 -9.21 -22.16
C GLU A 474 -16.02 -8.93 -21.69
N TRP A 475 -15.22 -8.26 -22.51
CA TRP A 475 -13.85 -7.97 -22.12
C TRP A 475 -13.78 -6.93 -21.00
N LYS A 476 -14.87 -6.21 -20.79
CA LYS A 476 -14.92 -5.20 -19.73
C LYS A 476 -15.49 -5.80 -18.44
N THR A 477 -16.59 -6.54 -18.56
CA THR A 477 -17.19 -7.16 -17.39
C THR A 477 -16.27 -8.23 -16.82
N SER A 478 -15.49 -8.88 -17.68
CA SER A 478 -14.57 -9.92 -17.22
C SER A 478 -13.47 -9.27 -16.38
N ALA A 479 -12.96 -8.13 -16.86
CA ALA A 479 -11.92 -7.42 -16.14
C ALA A 479 -12.47 -6.93 -14.78
N VAL A 480 -13.70 -6.43 -14.79
CA VAL A 480 -14.33 -5.97 -13.55
C VAL A 480 -14.45 -7.12 -12.55
N GLN A 481 -14.70 -8.32 -13.06
CA GLN A 481 -14.84 -9.48 -12.19
C GLN A 481 -13.52 -9.97 -11.64
N ARG A 482 -12.46 -9.95 -12.45
CA ARG A 482 -11.15 -10.40 -11.99
C ARG A 482 -10.53 -9.49 -10.93
N MET A 483 -10.58 -8.18 -11.18
CA MET A 483 -10.01 -7.20 -10.27
C MET A 483 -10.54 -7.26 -8.86
N GLY A 484 -9.65 -7.05 -7.90
CA GLY A 484 -10.08 -7.06 -6.52
C GLY A 484 -10.54 -5.70 -6.01
N PHE A 485 -11.49 -5.71 -5.10
CA PHE A 485 -11.93 -4.46 -4.50
C PHE A 485 -11.95 -4.71 -3.00
N GLY A 486 -11.04 -4.04 -2.30
CA GLY A 486 -10.90 -4.24 -0.86
C GLY A 486 -11.79 -3.48 0.09
N ASN A 487 -11.43 -3.57 1.36
CA ASN A 487 -12.15 -2.93 2.44
C ASN A 487 -11.18 -2.56 3.54
N LEU A 488 -11.49 -1.48 4.22
CA LEU A 488 -10.70 -0.95 5.32
C LEU A 488 -11.63 0.04 6.00
N ASN A 489 -11.69 0.00 7.33
CA ASN A 489 -12.54 0.91 8.08
C ASN A 489 -11.76 1.60 9.19
N LYS A 490 -12.36 2.67 9.71
CA LYS A 490 -11.74 3.44 10.78
C LYS A 490 -12.76 3.75 11.85
N VAL A 491 -12.29 3.91 13.08
CA VAL A 491 -13.15 4.29 14.18
C VAL A 491 -12.56 5.57 14.71
N VAL A 492 -13.36 6.62 14.70
CA VAL A 492 -12.90 7.91 15.18
C VAL A 492 -13.32 8.10 16.63
N LEU A 493 -12.34 8.30 17.51
CA LEU A 493 -12.61 8.52 18.92
C LEU A 493 -12.26 9.95 19.26
N CYS A 494 -13.27 10.74 19.59
CA CYS A 494 -13.07 12.15 19.94
C CYS A 494 -13.16 12.33 21.45
N PHE A 495 -12.05 12.70 22.07
CA PHE A 495 -11.98 12.92 23.51
C PHE A 495 -11.87 14.42 23.82
N ASP A 496 -11.90 14.76 25.10
CA ASP A 496 -11.76 16.16 25.49
C ASP A 496 -10.41 16.38 26.14
N ARG A 497 -9.64 15.29 26.24
CA ARG A 497 -8.30 15.32 26.85
C ARG A 497 -7.37 14.36 26.12
N VAL A 498 -6.09 14.71 26.04
CA VAL A 498 -5.08 13.87 25.40
C VAL A 498 -4.36 13.03 26.44
N PHE A 499 -4.57 11.71 26.40
CA PHE A 499 -3.94 10.81 27.36
C PHE A 499 -2.83 9.99 26.73
N TRP A 500 -2.63 10.17 25.43
CA TRP A 500 -1.58 9.45 24.70
C TRP A 500 -0.33 10.30 24.56
N ASP A 501 0.71 9.74 23.96
CA ASP A 501 1.96 10.48 23.75
C ASP A 501 1.83 11.38 22.53
N PRO A 502 1.70 12.70 22.74
CA PRO A 502 1.56 13.68 21.65
C PRO A 502 2.68 13.75 20.63
N SER A 503 3.83 13.15 20.94
CA SER A 503 4.95 13.18 20.02
C SER A 503 4.95 11.98 19.09
N VAL A 504 4.05 11.04 19.35
CA VAL A 504 3.93 9.83 18.53
C VAL A 504 2.72 9.90 17.61
N ASN A 505 2.95 9.80 16.31
CA ASN A 505 1.87 9.84 15.31
C ASN A 505 1.06 8.55 15.25
N LEU A 506 1.71 7.41 15.49
CA LEU A 506 1.02 6.12 15.46
C LEU A 506 1.59 5.09 16.41
N PHE A 507 0.73 4.20 16.87
CA PHE A 507 1.16 3.13 17.76
C PHE A 507 0.28 1.94 17.43
N GLY A 508 0.84 0.74 17.53
CA GLY A 508 0.08 -0.44 17.20
C GLY A 508 -0.37 -1.31 18.34
N HIS A 509 -1.42 -2.08 18.07
CA HIS A 509 -1.98 -3.02 19.02
C HIS A 509 -1.80 -4.41 18.39
N VAL A 510 -1.01 -5.25 19.03
CA VAL A 510 -0.75 -6.60 18.55
C VAL A 510 -1.90 -7.55 18.96
N GLY A 511 -2.58 -8.11 17.97
CA GLY A 511 -3.67 -9.03 18.26
C GLY A 511 -3.25 -10.40 18.75
N SER A 512 -4.21 -11.16 19.27
CA SER A 512 -3.96 -12.49 19.80
C SER A 512 -3.86 -13.63 18.76
N THR A 513 -4.68 -13.56 17.72
CA THR A 513 -4.70 -14.60 16.70
C THR A 513 -4.47 -14.08 15.28
N THR A 514 -4.01 -14.98 14.42
CA THR A 514 -3.74 -14.66 13.02
C THR A 514 -5.01 -14.15 12.34
N ALA A 515 -6.11 -14.86 12.56
CA ALA A 515 -7.39 -14.51 11.96
C ALA A 515 -7.88 -13.09 12.25
N SER A 516 -7.67 -12.62 13.47
CA SER A 516 -8.13 -11.27 13.81
C SER A 516 -7.01 -10.24 13.91
N ARG A 517 -5.88 -10.50 13.26
CA ARG A 517 -4.75 -9.57 13.33
C ARG A 517 -5.04 -8.14 12.89
N GLY A 518 -6.07 -7.96 12.06
CA GLY A 518 -6.38 -6.61 11.59
C GLY A 518 -7.36 -5.82 12.44
N GLU A 519 -7.81 -6.40 13.55
CA GLU A 519 -8.76 -5.69 14.40
C GLU A 519 -8.14 -4.61 15.27
N LEU A 520 -8.48 -3.36 14.97
CA LEU A 520 -7.99 -2.19 15.71
C LEU A 520 -6.50 -2.33 15.99
N PHE A 521 -5.76 -2.76 14.97
CA PHE A 521 -4.32 -2.98 15.12
C PHE A 521 -3.44 -1.73 15.07
N LEU A 522 -3.99 -0.62 14.58
CA LEU A 522 -3.20 0.60 14.46
C LEU A 522 -4.00 1.85 14.83
N PHE A 523 -3.39 2.71 15.65
CA PHE A 523 -4.01 3.94 16.12
C PHE A 523 -3.25 5.15 15.58
N TRP A 524 -3.97 6.18 15.16
CA TRP A 524 -3.32 7.37 14.61
C TRP A 524 -3.64 8.63 15.40
N ASN A 525 -2.60 9.42 15.66
CA ASN A 525 -2.70 10.69 16.38
C ASN A 525 -2.32 11.76 15.34
N LEU A 526 -3.32 12.39 14.73
CA LEU A 526 -3.06 13.35 13.67
C LEU A 526 -3.69 14.73 13.74
N TYR A 527 -4.59 14.96 14.69
CA TYR A 527 -5.26 16.24 14.66
C TYR A 527 -5.06 17.21 15.82
N LYS A 528 -5.57 18.42 15.61
CA LYS A 528 -5.49 19.50 16.58
C LYS A 528 -6.20 19.06 17.86
N ALA A 529 -7.46 18.66 17.74
CA ALA A 529 -8.25 18.22 18.89
C ALA A 529 -7.81 16.82 19.34
N PRO A 530 -8.25 16.38 20.54
CA PRO A 530 -7.91 15.06 21.10
C PRO A 530 -8.65 13.94 20.37
N ILE A 531 -8.15 13.59 19.20
CA ILE A 531 -8.76 12.56 18.38
C ILE A 531 -7.80 11.43 18.06
N LEU A 532 -8.30 10.20 18.16
CA LEU A 532 -7.52 9.02 17.82
C LEU A 532 -8.32 8.29 16.76
N LEU A 533 -7.61 7.77 15.74
CA LEU A 533 -8.24 6.99 14.67
C LEU A 533 -7.69 5.57 14.79
N ALA A 534 -8.57 4.58 14.84
CA ALA A 534 -8.13 3.19 14.93
C ALA A 534 -8.51 2.50 13.62
N LEU A 535 -7.64 1.63 13.12
CA LEU A 535 -7.89 0.92 11.88
C LEU A 535 -8.39 -0.51 12.04
N VAL A 536 -9.20 -0.95 11.09
CA VAL A 536 -9.71 -2.31 11.07
C VAL A 536 -9.36 -2.78 9.66
N ALA A 537 -8.37 -3.67 9.57
CA ALA A 537 -7.92 -4.16 8.28
C ALA A 537 -8.11 -5.65 8.06
N GLY A 538 -7.84 -6.09 6.83
CA GLY A 538 -7.94 -7.50 6.47
C GLY A 538 -9.29 -8.13 6.68
N GLU A 539 -9.27 -9.39 7.13
CA GLU A 539 -10.50 -10.13 7.38
C GLU A 539 -11.38 -9.44 8.38
N ALA A 540 -10.77 -8.72 9.31
CA ALA A 540 -11.55 -8.01 10.34
C ALA A 540 -12.41 -6.87 9.79
N ALA A 541 -11.97 -6.22 8.72
CA ALA A 541 -12.71 -5.08 8.15
C ALA A 541 -14.17 -5.36 7.80
N GLY A 542 -14.43 -6.41 7.02
CA GLY A 542 -15.78 -6.71 6.64
C GLY A 542 -16.60 -7.23 7.81
N ILE A 543 -15.98 -8.09 8.61
CA ILE A 543 -16.64 -8.68 9.78
C ILE A 543 -17.11 -7.62 10.77
N MET A 544 -16.21 -6.72 11.16
CA MET A 544 -16.52 -5.67 12.12
C MET A 544 -17.67 -4.75 11.72
N GLU A 545 -17.96 -4.66 10.43
CA GLU A 545 -19.05 -3.79 10.01
C GLU A 545 -20.37 -4.28 10.58
N ASN A 546 -20.39 -5.54 10.98
CA ASN A 546 -21.59 -6.15 11.56
C ASN A 546 -21.75 -5.83 13.04
N ILE A 547 -20.76 -5.16 13.62
CA ILE A 547 -20.84 -4.81 15.03
C ILE A 547 -21.30 -3.35 15.16
N SER A 548 -22.09 -3.07 16.19
CA SER A 548 -22.60 -1.72 16.40
C SER A 548 -21.47 -0.80 16.86
N ASP A 549 -21.68 0.50 16.67
CA ASP A 549 -20.70 1.50 17.06
C ASP A 549 -20.31 1.34 18.52
N ASP A 550 -21.31 1.29 19.40
CA ASP A 550 -21.07 1.18 20.83
C ASP A 550 -20.15 0.03 21.22
N VAL A 551 -20.39 -1.14 20.66
CA VAL A 551 -19.58 -2.31 20.95
C VAL A 551 -18.18 -2.18 20.38
N ILE A 552 -18.07 -1.69 19.15
CA ILE A 552 -16.74 -1.55 18.56
C ILE A 552 -15.95 -0.49 19.34
N VAL A 553 -16.61 0.59 19.75
CA VAL A 553 -15.94 1.63 20.52
C VAL A 553 -15.47 1.06 21.86
N GLY A 554 -16.32 0.28 22.51
CA GLY A 554 -15.94 -0.33 23.77
C GLY A 554 -14.69 -1.18 23.64
N ARG A 555 -14.58 -1.94 22.56
CA ARG A 555 -13.40 -2.78 22.37
C ARG A 555 -12.15 -1.92 22.18
N CYS A 556 -12.34 -0.72 21.63
CA CYS A 556 -11.24 0.24 21.45
C CYS A 556 -10.73 0.73 22.78
N LEU A 557 -11.67 1.17 23.62
CA LEU A 557 -11.33 1.70 24.94
C LEU A 557 -10.65 0.61 25.76
N ALA A 558 -11.08 -0.62 25.59
CA ALA A 558 -10.48 -1.74 26.31
C ALA A 558 -9.01 -1.84 25.92
N ILE A 559 -8.73 -1.72 24.61
CA ILE A 559 -7.36 -1.80 24.10
C ILE A 559 -6.57 -0.63 24.71
N LEU A 560 -7.11 0.57 24.57
CA LEU A 560 -6.49 1.79 25.07
C LEU A 560 -6.25 1.76 26.57
N LYS A 561 -7.21 1.26 27.33
CA LYS A 561 -7.04 1.16 28.77
C LYS A 561 -5.93 0.18 29.10
N GLY A 562 -5.80 -0.87 28.29
CA GLY A 562 -4.76 -1.84 28.55
C GLY A 562 -3.37 -1.23 28.36
N ILE A 563 -3.28 -0.25 27.47
CA ILE A 563 -2.00 0.41 27.19
C ILE A 563 -1.69 1.55 28.15
N PHE A 564 -2.65 2.45 28.33
CA PHE A 564 -2.44 3.62 29.18
C PHE A 564 -3.04 3.49 30.58
N GLY A 565 -3.71 2.38 30.84
CA GLY A 565 -4.33 2.14 32.13
C GLY A 565 -5.71 2.75 32.20
N SER A 566 -6.68 2.03 32.75
CA SER A 566 -8.02 2.57 32.88
C SER A 566 -7.90 3.78 33.79
N SER A 567 -8.91 4.63 33.79
CA SER A 567 -8.91 5.86 34.61
C SER A 567 -8.09 6.90 33.86
N ALA A 568 -7.28 6.44 32.91
CA ALA A 568 -6.46 7.33 32.09
C ALA A 568 -7.25 7.61 30.83
N VAL A 569 -8.13 6.66 30.50
CA VAL A 569 -8.95 6.77 29.30
C VAL A 569 -10.39 7.13 29.63
N PRO A 570 -10.80 8.38 29.36
CA PRO A 570 -12.17 8.80 29.63
C PRO A 570 -13.09 8.34 28.50
N GLN A 571 -14.39 8.40 28.73
CA GLN A 571 -15.34 8.01 27.70
C GLN A 571 -15.26 9.07 26.60
N PRO A 572 -15.43 8.67 25.34
CA PRO A 572 -15.37 9.61 24.21
C PRO A 572 -16.58 10.54 24.17
N LYS A 573 -16.37 11.77 23.71
CA LYS A 573 -17.48 12.71 23.63
C LYS A 573 -18.16 12.50 22.28
N GLU A 574 -17.37 12.10 21.27
CA GLU A 574 -17.87 11.86 19.92
C GLU A 574 -17.17 10.66 19.27
N THR A 575 -17.91 9.87 18.50
CA THR A 575 -17.33 8.73 17.80
C THR A 575 -17.95 8.58 16.43
N VAL A 576 -17.15 8.14 15.47
CA VAL A 576 -17.60 7.91 14.11
C VAL A 576 -16.96 6.59 13.68
N VAL A 577 -17.75 5.74 13.04
CA VAL A 577 -17.28 4.43 12.58
C VAL A 577 -17.67 4.30 11.10
N SER A 578 -16.70 3.97 10.26
CA SER A 578 -16.97 3.80 8.84
C SER A 578 -17.32 2.35 8.53
N ARG A 579 -18.11 2.16 7.48
CA ARG A 579 -18.53 0.83 7.02
C ARG A 579 -18.57 0.94 5.49
N TRP A 580 -17.39 1.04 4.89
CA TRP A 580 -17.29 1.20 3.44
C TRP A 580 -17.87 0.08 2.58
N ARG A 581 -17.81 -1.17 3.05
CA ARG A 581 -18.35 -2.27 2.27
C ARG A 581 -19.89 -2.17 2.19
N ALA A 582 -20.52 -1.81 3.30
CA ALA A 582 -21.98 -1.68 3.35
C ALA A 582 -22.46 -0.39 2.69
N ASP A 583 -21.55 0.55 2.46
CA ASP A 583 -21.88 1.83 1.84
C ASP A 583 -22.21 1.52 0.40
N PRO A 584 -23.50 1.64 0.02
CA PRO A 584 -23.91 1.35 -1.35
C PRO A 584 -23.26 2.20 -2.44
N TRP A 585 -22.75 3.37 -2.07
CA TRP A 585 -22.12 4.25 -3.04
C TRP A 585 -20.63 3.96 -3.21
N ALA A 586 -20.13 2.93 -2.52
CA ALA A 586 -18.71 2.56 -2.60
C ALA A 586 -18.48 1.04 -2.67
N ARG A 587 -19.08 0.31 -1.73
CA ARG A 587 -18.97 -1.16 -1.67
C ARG A 587 -17.54 -1.64 -1.38
N GLY A 588 -16.78 -0.80 -0.67
CA GLY A 588 -15.41 -1.15 -0.36
C GLY A 588 -14.58 0.11 -0.28
N SER A 589 -13.28 -0.05 -0.08
CA SER A 589 -12.39 1.10 0.05
C SER A 589 -11.59 1.41 -1.22
N TYR A 590 -10.86 0.43 -1.75
CA TYR A 590 -10.11 0.62 -2.98
C TYR A 590 -9.69 -0.70 -3.58
N SER A 591 -9.34 -0.67 -4.86
CA SER A 591 -8.95 -1.86 -5.60
C SER A 591 -7.60 -2.41 -5.19
N TYR A 592 -7.38 -3.69 -5.53
CA TYR A 592 -6.12 -4.36 -5.27
C TYR A 592 -5.95 -5.37 -6.39
N VAL A 593 -4.72 -5.72 -6.70
CA VAL A 593 -4.48 -6.69 -7.77
C VAL A 593 -4.72 -8.07 -7.18
N ALA A 594 -5.82 -8.69 -7.56
CA ALA A 594 -6.18 -10.01 -7.07
C ALA A 594 -5.43 -11.14 -7.75
N ALA A 595 -5.28 -12.26 -7.06
CA ALA A 595 -4.63 -13.42 -7.64
C ALA A 595 -5.46 -13.79 -8.87
N GLY A 596 -4.82 -13.84 -10.04
CA GLY A 596 -5.56 -14.17 -11.24
C GLY A 596 -5.80 -12.95 -12.12
N SER A 597 -5.51 -11.78 -11.57
CA SER A 597 -5.67 -10.52 -12.28
C SER A 597 -4.24 -10.06 -12.52
N SER A 598 -4.08 -8.83 -13.01
CA SER A 598 -2.76 -8.27 -13.27
C SER A 598 -2.95 -6.79 -13.55
N GLY A 599 -1.87 -6.06 -13.76
CA GLY A 599 -2.00 -4.64 -14.03
C GLY A 599 -2.72 -4.32 -15.33
N ASN A 600 -2.84 -5.30 -16.21
CA ASN A 600 -3.51 -5.09 -17.49
C ASN A 600 -5.00 -4.83 -17.32
N ASP A 601 -5.59 -5.39 -16.27
CA ASP A 601 -7.00 -5.18 -16.04
C ASP A 601 -7.30 -3.72 -15.76
N TYR A 602 -6.30 -2.98 -15.30
CA TYR A 602 -6.46 -1.57 -15.01
C TYR A 602 -6.51 -0.82 -16.34
N ASP A 603 -5.76 -1.31 -17.32
CA ASP A 603 -5.78 -0.67 -18.63
C ASP A 603 -7.12 -0.96 -19.31
N LEU A 604 -7.62 -2.19 -19.16
CA LEU A 604 -8.90 -2.57 -19.75
C LEU A 604 -10.04 -1.77 -19.13
N MET A 605 -9.87 -1.41 -17.85
CA MET A 605 -10.89 -0.61 -17.15
C MET A 605 -10.92 0.82 -17.70
N ALA A 606 -9.78 1.28 -18.21
CA ALA A 606 -9.68 2.63 -18.75
C ALA A 606 -10.27 2.77 -20.15
N GLN A 607 -10.30 1.68 -20.91
CA GLN A 607 -10.81 1.67 -22.28
C GLN A 607 -12.23 2.18 -22.45
N PRO A 608 -12.44 3.09 -23.41
CA PRO A 608 -13.79 3.63 -23.65
C PRO A 608 -14.64 2.60 -24.40
N ILE A 609 -15.94 2.66 -24.23
CA ILE A 609 -16.84 1.75 -24.92
C ILE A 609 -17.37 2.54 -26.09
N THR A 610 -17.28 1.94 -27.27
CA THR A 610 -17.76 2.66 -28.42
C THR A 610 -18.55 1.79 -29.33
N PRO A 611 -19.82 2.16 -29.58
CA PRO A 611 -20.47 1.24 -30.51
C PRO A 611 -19.65 1.29 -31.81
N PRO A 621 -20.00 3.81 -33.09
CA PRO A 621 -19.26 4.07 -34.36
C PRO A 621 -18.12 5.01 -33.99
N ILE A 622 -18.14 5.43 -32.73
CA ILE A 622 -17.18 6.38 -32.18
C ILE A 622 -17.35 6.45 -30.64
N PRO A 623 -16.23 6.52 -29.89
CA PRO A 623 -16.19 6.60 -28.42
C PRO A 623 -17.30 7.39 -27.75
N ARG A 624 -18.08 6.71 -26.91
CA ARG A 624 -19.21 7.34 -26.22
C ARG A 624 -19.17 7.24 -24.69
N LEU A 625 -18.79 6.06 -24.19
CA LEU A 625 -18.71 5.80 -22.75
C LEU A 625 -17.26 5.76 -22.27
N PHE A 626 -16.91 6.65 -21.35
CA PHE A 626 -15.55 6.72 -20.82
C PHE A 626 -15.45 6.36 -19.33
N PHE A 627 -14.26 5.91 -18.92
CA PHE A 627 -14.07 5.52 -17.52
C PHE A 627 -12.90 6.17 -16.81
N ALA A 628 -13.16 6.59 -15.57
CA ALA A 628 -12.14 7.19 -14.71
C ALA A 628 -12.33 6.64 -13.29
N GLY A 629 -11.35 6.86 -12.42
CA GLY A 629 -11.43 6.35 -11.08
C GLY A 629 -10.13 5.65 -10.69
N GLU A 630 -9.92 5.43 -9.39
CA GLU A 630 -8.71 4.80 -8.91
C GLU A 630 -8.47 3.43 -9.53
N HIS A 631 -9.54 2.77 -9.95
CA HIS A 631 -9.43 1.44 -10.55
C HIS A 631 -9.12 1.42 -12.04
N THR A 632 -8.94 2.58 -12.65
CA THR A 632 -8.66 2.64 -14.09
C THR A 632 -7.26 3.15 -14.42
N ILE A 633 -6.42 3.31 -13.40
CA ILE A 633 -5.07 3.84 -13.62
C ILE A 633 -4.00 2.90 -13.07
N ARG A 634 -3.44 2.11 -13.99
CA ARG A 634 -2.43 1.09 -13.75
C ARG A 634 -1.18 1.43 -12.94
N ASN A 635 -0.62 2.62 -13.14
CA ASN A 635 0.60 3.00 -12.43
C ASN A 635 0.36 3.72 -11.11
N TYR A 636 -0.89 4.08 -10.83
CA TYR A 636 -1.24 4.81 -9.60
C TYR A 636 -2.59 4.35 -9.01
N PRO A 637 -2.88 3.05 -9.04
CA PRO A 637 -4.15 2.59 -8.49
C PRO A 637 -4.35 2.78 -6.99
N ALA A 638 -5.62 2.75 -6.58
CA ALA A 638 -6.02 2.85 -5.18
C ALA A 638 -5.51 4.06 -4.42
N THR A 639 -5.41 5.20 -5.09
CA THR A 639 -4.93 6.38 -4.41
C THR A 639 -5.71 7.61 -4.86
N VAL A 640 -5.59 8.70 -4.11
CA VAL A 640 -6.26 9.93 -4.46
C VAL A 640 -5.58 10.57 -5.66
N HIS A 641 -4.25 10.51 -5.70
CA HIS A 641 -3.54 11.10 -6.83
C HIS A 641 -3.86 10.29 -8.08
N GLY A 642 -3.99 8.98 -7.92
CA GLY A 642 -4.32 8.14 -9.06
C GLY A 642 -5.70 8.52 -9.58
N ALA A 643 -6.64 8.75 -8.67
CA ALA A 643 -7.99 9.14 -9.07
C ALA A 643 -7.89 10.47 -9.84
N LEU A 644 -7.14 11.42 -9.28
CA LEU A 644 -6.94 12.72 -9.91
C LEU A 644 -6.43 12.59 -11.35
N LEU A 645 -5.31 11.92 -11.50
CA LEU A 645 -4.70 11.72 -12.81
C LEU A 645 -5.61 11.01 -13.80
N SER A 646 -6.41 10.05 -13.33
CA SER A 646 -7.29 9.35 -14.26
C SER A 646 -8.32 10.33 -14.79
N GLY A 647 -8.75 11.27 -13.94
CA GLY A 647 -9.74 12.25 -14.36
C GLY A 647 -9.14 13.21 -15.37
N LEU A 648 -7.90 13.63 -15.14
CA LEU A 648 -7.24 14.55 -16.07
C LEU A 648 -7.07 13.84 -17.41
N ARG A 649 -6.69 12.57 -17.34
CA ARG A 649 -6.48 11.74 -18.51
C ARG A 649 -7.73 11.65 -19.38
N GLU A 650 -8.86 11.30 -18.76
CA GLU A 650 -10.09 11.17 -19.51
C GLU A 650 -10.61 12.48 -20.10
N ALA A 651 -10.40 13.59 -19.41
CA ALA A 651 -10.85 14.87 -19.93
C ALA A 651 -10.09 15.13 -21.21
N GLY A 652 -8.83 14.71 -21.24
CA GLY A 652 -8.02 14.91 -22.42
C GLY A 652 -8.49 14.04 -23.57
N ARG A 653 -8.76 12.77 -23.29
CA ARG A 653 -9.21 11.84 -24.31
C ARG A 653 -10.55 12.29 -24.90
N ILE A 654 -11.43 12.82 -24.05
CA ILE A 654 -12.74 13.28 -24.49
C ILE A 654 -12.67 14.57 -25.31
N ALA A 655 -11.88 15.54 -24.84
CA ALA A 655 -11.72 16.79 -25.58
C ALA A 655 -11.15 16.48 -26.96
N ASP A 656 -10.23 15.52 -27.02
CA ASP A 656 -9.64 15.13 -28.30
C ASP A 656 -10.71 14.60 -29.26
N GLN A 657 -11.66 13.85 -28.72
CA GLN A 657 -12.74 13.27 -29.53
C GLN A 657 -13.81 14.25 -29.96
N PHE A 658 -14.25 15.10 -29.02
CA PHE A 658 -15.32 16.05 -29.27
C PHE A 658 -14.94 17.47 -29.64
N LEU A 659 -13.71 17.89 -29.33
CA LEU A 659 -13.27 19.24 -29.66
C LEU A 659 -12.12 19.20 -30.66
N GLY A 660 -11.52 18.03 -30.82
CA GLY A 660 -10.40 17.86 -31.72
C GLY A 660 -9.09 18.30 -31.11
C4 F2N B . -22.62 7.55 -7.59
C5 F2N B . -23.29 6.35 -7.73
C6 F2N B . -24.44 6.32 -8.51
C8 F2N B . -21.56 6.03 -6.51
N1 F2N B . -24.86 7.46 -9.08
N3 F2N B . -23.10 8.65 -8.20
CCG F2N B . -3.23 3.86 -0.09
CCH F2N B . -2.46 3.71 -1.25
CCI F2N B . -1.17 4.23 -1.29
CCJ F2N B . -0.64 4.86 -0.17
CCK F2N B . -1.42 5.01 0.99
CCF F2N B . -2.72 4.52 1.01
CCD F2N B . -3.59 4.88 2.03
CCE F2N B . -4.93 4.55 1.87
CCC F2N B . -5.91 4.93 2.79
OCB F2N B . -6.02 4.43 4.05
NBD F2N B . -6.75 5.87 2.37
CBE F2N B . -7.98 5.41 2.15
CBL F2N B . -8.53 5.32 0.88
CBK F2N B . -9.85 4.93 0.70
CBI F2N B . -10.63 4.60 1.80
CBJ F2N B . -12.11 4.26 1.61
CBG F2N B . -10.08 4.65 3.08
CBH F2N B . -10.93 4.24 4.29
CBF F2N B . -8.77 5.07 3.25
CBC F2N B . -6.17 6.53 1.35
CBA F2N B . -5.09 7.36 1.62
OBB F2N B . -4.78 7.60 2.78
NAZ F2N B . -4.38 7.97 0.57
CAY F2N B . -4.75 7.74 -0.76
OAY F2N B . -4.11 8.24 -1.69
NAW F2N B . -5.85 6.91 -1.03
CBN F2N B . -6.55 6.33 0.03
NBM F2N B . -7.76 5.69 -0.22
CBO F2N B . -8.26 5.53 -1.61
CBP F2N B . -8.76 6.85 -2.19
OBQ F2N B . -9.68 7.46 -1.27
CBR F2N B . -9.49 6.53 -3.50
OBS F2N B . -8.62 5.79 -4.35
CBT F2N B . -10.00 7.77 -4.24
OBU F2N B . -10.64 8.68 -3.35
CBV F2N B . -10.97 7.32 -5.32
OBW F2N B . -11.65 8.40 -5.94
PBX F2N B . -12.62 8.06 -7.18
OBY F2N B . -13.10 9.34 -7.75
OBZ F2N B . -11.90 7.12 -8.08
OCA F2N B . -13.84 7.26 -6.50
PAA F2N B . -14.85 7.95 -5.45
OAB F2N B . -14.16 8.97 -4.65
OAC F2N B . -15.54 6.85 -4.73
O5' F2N B . -15.90 8.69 -6.43
C5' F2N B . -17.01 7.98 -6.99
C4' F2N B . -18.28 8.81 -6.80
O4' F2N B . -19.39 8.12 -7.41
C3' F2N B . -18.60 8.90 -5.29
O3' F2N B . -18.90 10.25 -4.94
C2' F2N B . -19.84 8.01 -5.16
O2' F2N B . -20.67 8.51 -4.11
C1' F2N B . -20.49 8.30 -6.51
N9 F2N B . -21.55 7.31 -6.84
N7 F2N B . -22.61 5.43 -7.05
C2 F2N B . -24.20 8.59 -8.92
N6 F2N B . -25.10 5.19 -8.71
#